data_1X6W
# 
_entry.id   1X6W 
# 
_audit_conform.dict_name       mmcif_pdbx.dic 
_audit_conform.dict_version    5.392 
_audit_conform.dict_location   http://mmcif.pdb.org/dictionaries/ascii/mmcif_pdbx.dic 
# 
loop_
_database_2.database_id 
_database_2.database_code 
_database_2.pdbx_database_accession 
_database_2.pdbx_DOI 
PDB   1X6W         pdb_00001x6w 10.2210/pdb1x6w/pdb 
RCSB  RCSB030014   ?            ?                   
WWPDB D_1000030014 ?            ?                   
# 
loop_
_pdbx_audit_revision_history.ordinal 
_pdbx_audit_revision_history.data_content_type 
_pdbx_audit_revision_history.major_revision 
_pdbx_audit_revision_history.minor_revision 
_pdbx_audit_revision_history.revision_date 
1 'Structure model' 1 0 2004-10-05 
2 'Structure model' 1 1 2008-04-30 
3 'Structure model' 1 2 2011-07-13 
4 'Structure model' 1 3 2022-03-02 
5 'Structure model' 1 4 2024-05-22 
# 
_pdbx_audit_revision_details.ordinal             1 
_pdbx_audit_revision_details.revision_ordinal    1 
_pdbx_audit_revision_details.data_content_type   'Structure model' 
_pdbx_audit_revision_details.provider            repository 
_pdbx_audit_revision_details.type                'Initial release' 
_pdbx_audit_revision_details.description         ? 
_pdbx_audit_revision_details.details             ? 
# 
loop_
_pdbx_audit_revision_group.ordinal 
_pdbx_audit_revision_group.revision_ordinal 
_pdbx_audit_revision_group.data_content_type 
_pdbx_audit_revision_group.group 
1 2 'Structure model' 'Version format compliance' 
2 3 'Structure model' 'Version format compliance' 
3 4 'Structure model' 'Database references'       
4 4 'Structure model' 'Derived calculations'      
5 5 'Structure model' 'Data collection'           
# 
loop_
_pdbx_audit_revision_category.ordinal 
_pdbx_audit_revision_category.revision_ordinal 
_pdbx_audit_revision_category.data_content_type 
_pdbx_audit_revision_category.category 
1 4 'Structure model' database_2            
2 4 'Structure model' pdbx_struct_assembly  
3 4 'Structure model' pdbx_struct_oper_list 
4 4 'Structure model' struct_conn           
5 5 'Structure model' chem_comp_atom        
6 5 'Structure model' chem_comp_bond        
# 
loop_
_pdbx_audit_revision_item.ordinal 
_pdbx_audit_revision_item.revision_ordinal 
_pdbx_audit_revision_item.data_content_type 
_pdbx_audit_revision_item.item 
1 4 'Structure model' '_database_2.pdbx_DOI'                
2 4 'Structure model' '_database_2.pdbx_database_accession' 
3 4 'Structure model' '_struct_conn.pdbx_leaving_atom_flag' 
# 
_pdbx_database_status.status_code                     REL 
_pdbx_database_status.entry_id                        1X6W 
_pdbx_database_status.recvd_initial_deposition_date   2004-08-12 
_pdbx_database_status.deposit_site                    RCSB 
_pdbx_database_status.process_site                    RCSB 
_pdbx_database_status.SG_entry                        . 
_pdbx_database_status.pdb_format_compatible           Y 
_pdbx_database_status.status_code_mr                  ? 
_pdbx_database_status.status_code_sf                  ? 
_pdbx_database_status.status_code_cs                  ? 
_pdbx_database_status.status_code_nmr_data            ? 
_pdbx_database_status.methods_development_category    ? 
# 
loop_
_audit_author.name 
_audit_author.pdbx_ordinal 
'Tuma, J.'    1 
'Paulini, R.' 2 
'Sttz, J.'    3 
'Richert, C.' 4 
# 
_citation.id                        primary 
_citation.title                     
;How much pi-stacking do DNA termini seek? Solution structure of a self-complementary DNA hexamer with trimethoxystilbenes capping the terminal base pairs.
;
_citation.journal_abbrev            Biochemistry 
_citation.journal_volume            43 
_citation.page_first                15680 
_citation.page_last                 15687 
_citation.year                      2004 
_citation.journal_id_ASTM           BICHAW 
_citation.country                   US 
_citation.journal_id_ISSN           0006-2960 
_citation.journal_id_CSD            0033 
_citation.book_publisher            ? 
_citation.pdbx_database_id_PubMed   15595824 
_citation.pdbx_database_id_DOI      10.1021/bi048205y 
# 
loop_
_citation_author.citation_id 
_citation_author.name 
_citation_author.ordinal 
_citation_author.identifier_ORCID 
primary 'Tuma, J.'          1 ? 
primary 'Paulini, R.'       2 ? 
primary 'Rojas Stutz, J.A.' 3 ? 
primary 'Richert, C.'       4 ? 
# 
_entity.id                         1 
_entity.type                       polymer 
_entity.src_method                 syn 
_entity.pdbx_description           "5'-D(*(TMS)P*TP*GP*CP*GP*CP*A)-3'" 
_entity.formula_weight             2162.629 
_entity.pdbx_number_of_molecules   2 
_entity.pdbx_ec                    ? 
_entity.pdbx_mutation              ? 
_entity.pdbx_fragment              ? 
_entity.details                    ? 
# 
_entity_poly.entity_id                      1 
_entity_poly.type                           polydeoxyribonucleotide 
_entity_poly.nstd_linkage                   no 
_entity_poly.nstd_monomer                   yes 
_entity_poly.pdbx_seq_one_letter_code       '(TMS)(DT)(DG)(DC)(DG)(DC)(DA)' 
_entity_poly.pdbx_seq_one_letter_code_can   XTGCGCA 
_entity_poly.pdbx_strand_id                 A,B 
_entity_poly.pdbx_target_identifier         ? 
# 
loop_
_entity_poly_seq.entity_id 
_entity_poly_seq.num 
_entity_poly_seq.mon_id 
_entity_poly_seq.hetero 
1 1 TMS n 
1 2 DT  n 
1 3 DG  n 
1 4 DC  n 
1 5 DG  n 
1 6 DC  n 
1 7 DA  n 
# 
loop_
_chem_comp.id 
_chem_comp.type 
_chem_comp.mon_nstd_flag 
_chem_comp.name 
_chem_comp.pdbx_synonyms 
_chem_comp.formula 
_chem_comp.formula_weight 
DA  'DNA linking' y "2'-DEOXYADENOSINE-5'-MONOPHOSPHATE"                           ? 'C10 H14 N5 O6 P' 331.222 
DC  'DNA linking' y "2'-DEOXYCYTIDINE-5'-MONOPHOSPHATE"                            ? 'C9 H14 N3 O7 P'  307.197 
DG  'DNA linking' y "2'-DEOXYGUANOSINE-5'-MONOPHOSPHATE"                           ? 'C10 H14 N5 O7 P' 347.221 
DT  'DNA linking' y "THYMIDINE-5'-MONOPHOSPHATE"                                   ? 'C10 H15 N2 O8 P' 322.208 
TMS non-polymer   . 'N-PROPYL-4-[(E)-2-(3,4,5-TRIMETHOXY-PHENYL)-VINYL]-BENZAMIDE' ? 'C21 H25 N O5'    371.427 
# 
loop_
_pdbx_poly_seq_scheme.asym_id 
_pdbx_poly_seq_scheme.entity_id 
_pdbx_poly_seq_scheme.seq_id 
_pdbx_poly_seq_scheme.mon_id 
_pdbx_poly_seq_scheme.ndb_seq_num 
_pdbx_poly_seq_scheme.pdb_seq_num 
_pdbx_poly_seq_scheme.auth_seq_num 
_pdbx_poly_seq_scheme.pdb_mon_id 
_pdbx_poly_seq_scheme.auth_mon_id 
_pdbx_poly_seq_scheme.pdb_strand_id 
_pdbx_poly_seq_scheme.pdb_ins_code 
_pdbx_poly_seq_scheme.hetero 
A 1 1 TMS 1 1 1 TMS TMS A . n 
A 1 2 DT  2 2 2 DT  T   A . n 
A 1 3 DG  3 3 3 DG  G   A . n 
A 1 4 DC  4 4 4 DC  C   A . n 
A 1 5 DG  5 5 5 DG  G   A . n 
A 1 6 DC  6 6 6 DC  C   A . n 
A 1 7 DA  7 7 7 DA  A   A . n 
B 1 1 TMS 1 1 1 TMS TMS B . n 
B 1 2 DT  2 2 2 DT  T   B . n 
B 1 3 DG  3 3 3 DG  G   B . n 
B 1 4 DC  4 4 4 DC  C   B . n 
B 1 5 DG  5 5 5 DG  G   B . n 
B 1 6 DC  6 6 6 DC  C   B . n 
B 1 7 DA  7 7 7 DA  A   B . n 
# 
_cell.entry_id           1X6W 
_cell.length_a           1.000 
_cell.length_b           1.000 
_cell.length_c           1.000 
_cell.angle_alpha        90.00 
_cell.angle_beta         90.00 
_cell.angle_gamma        90.00 
_cell.Z_PDB              1 
_cell.pdbx_unique_axis   ? 
# 
_symmetry.entry_id                         1X6W 
_symmetry.space_group_name_H-M             'P 1' 
_symmetry.pdbx_full_space_group_name_H-M   ? 
_symmetry.cell_setting                     ? 
_symmetry.Int_Tables_number                1 
# 
_exptl.entry_id          1X6W 
_exptl.method            'SOLUTION NMR' 
_exptl.crystals_number   ? 
# 
_exptl_crystal.id                    1 
_exptl_crystal.density_meas          ? 
_exptl_crystal.density_Matthews      ? 
_exptl_crystal.density_percent_sol   ? 
_exptl_crystal.description           ? 
_exptl_crystal.F_000                 ? 
_exptl_crystal.preparation           ? 
# 
_diffrn.id                     1 
_diffrn.ambient_temp           ? 
_diffrn.ambient_temp_details   ? 
_diffrn.crystal_id             1 
# 
_diffrn_radiation.diffrn_id                        1 
_diffrn_radiation.wavelength_id                    1 
_diffrn_radiation.pdbx_monochromatic_or_laue_m_l   M 
_diffrn_radiation.monochromator                    ? 
_diffrn_radiation.pdbx_diffrn_protocol             'SINGLE WAVELENGTH' 
_diffrn_radiation.pdbx_scattering_type             ? 
# 
_diffrn_radiation_wavelength.id           1 
_diffrn_radiation_wavelength.wavelength   . 
_diffrn_radiation_wavelength.wt           1.0 
# 
_struct.entry_id                  1X6W 
_struct.title                     'Solution Structure of the DNA Duplex TGCGCA:TGCGCA Capped by Trimethoxystilbene Residues' 
_struct.pdbx_model_details        ? 
_struct.pdbx_CASP_flag            ? 
_struct.pdbx_model_type_details   'minimized average' 
# 
_struct_keywords.entry_id        1X6W 
_struct_keywords.pdbx_keywords   DNA 
_struct_keywords.text            'DNA, trimethoxystilbene, Synthetic hybrid' 
# 
loop_
_struct_asym.id 
_struct_asym.pdbx_blank_PDB_chainid_flag 
_struct_asym.pdbx_modified 
_struct_asym.entity_id 
_struct_asym.details 
A N N 1 ? 
B N N 1 ? 
# 
_struct_ref.id                         1 
_struct_ref.entity_id                  1 
_struct_ref.db_name                    PDB 
_struct_ref.db_code                    1X6W 
_struct_ref.pdbx_db_accession          1X6W 
_struct_ref.pdbx_db_isoform            ? 
_struct_ref.pdbx_seq_one_letter_code   ? 
_struct_ref.pdbx_align_begin           ? 
# 
loop_
_struct_ref_seq.align_id 
_struct_ref_seq.ref_id 
_struct_ref_seq.pdbx_PDB_id_code 
_struct_ref_seq.pdbx_strand_id 
_struct_ref_seq.seq_align_beg 
_struct_ref_seq.pdbx_seq_align_beg_ins_code 
_struct_ref_seq.seq_align_end 
_struct_ref_seq.pdbx_seq_align_end_ins_code 
_struct_ref_seq.pdbx_db_accession 
_struct_ref_seq.db_align_beg 
_struct_ref_seq.pdbx_db_align_beg_ins_code 
_struct_ref_seq.db_align_end 
_struct_ref_seq.pdbx_db_align_end_ins_code 
_struct_ref_seq.pdbx_auth_seq_align_beg 
_struct_ref_seq.pdbx_auth_seq_align_end 
1 1 1X6W A 1 ? 7 ? 1X6W 1 ? 7 ? 1 7 
2 1 1X6W B 1 ? 7 ? 1X6W 1 ? 7 ? 1 7 
# 
_pdbx_struct_assembly.id                   1 
_pdbx_struct_assembly.details              author_defined_assembly 
_pdbx_struct_assembly.method_details       ? 
_pdbx_struct_assembly.oligomeric_details   dimeric 
_pdbx_struct_assembly.oligomeric_count     2 
# 
_pdbx_struct_assembly_gen.assembly_id       1 
_pdbx_struct_assembly_gen.oper_expression   1 
_pdbx_struct_assembly_gen.asym_id_list      A,B 
# 
_pdbx_struct_oper_list.id                   1 
_pdbx_struct_oper_list.type                 'identity operation' 
_pdbx_struct_oper_list.name                 1_555 
_pdbx_struct_oper_list.symmetry_operation   x,y,z 
_pdbx_struct_oper_list.matrix[1][1]         1.0000000000 
_pdbx_struct_oper_list.matrix[1][2]         0.0000000000 
_pdbx_struct_oper_list.matrix[1][3]         0.0000000000 
_pdbx_struct_oper_list.vector[1]            0.0000000000 
_pdbx_struct_oper_list.matrix[2][1]         0.0000000000 
_pdbx_struct_oper_list.matrix[2][2]         1.0000000000 
_pdbx_struct_oper_list.matrix[2][3]         0.0000000000 
_pdbx_struct_oper_list.vector[2]            0.0000000000 
_pdbx_struct_oper_list.matrix[3][1]         0.0000000000 
_pdbx_struct_oper_list.matrix[3][2]         0.0000000000 
_pdbx_struct_oper_list.matrix[3][3]         1.0000000000 
_pdbx_struct_oper_list.vector[3]            0.0000000000 
# 
_struct_biol.id   1 
# 
loop_
_struct_conn.id 
_struct_conn.conn_type_id 
_struct_conn.pdbx_leaving_atom_flag 
_struct_conn.pdbx_PDB_id 
_struct_conn.ptnr1_label_asym_id 
_struct_conn.ptnr1_label_comp_id 
_struct_conn.ptnr1_label_seq_id 
_struct_conn.ptnr1_label_atom_id 
_struct_conn.pdbx_ptnr1_label_alt_id 
_struct_conn.pdbx_ptnr1_PDB_ins_code 
_struct_conn.pdbx_ptnr1_standard_comp_id 
_struct_conn.ptnr1_symmetry 
_struct_conn.ptnr2_label_asym_id 
_struct_conn.ptnr2_label_comp_id 
_struct_conn.ptnr2_label_seq_id 
_struct_conn.ptnr2_label_atom_id 
_struct_conn.pdbx_ptnr2_label_alt_id 
_struct_conn.pdbx_ptnr2_PDB_ins_code 
_struct_conn.ptnr1_auth_asym_id 
_struct_conn.ptnr1_auth_comp_id 
_struct_conn.ptnr1_auth_seq_id 
_struct_conn.ptnr2_auth_asym_id 
_struct_conn.ptnr2_auth_comp_id 
_struct_conn.ptnr2_auth_seq_id 
_struct_conn.ptnr2_symmetry 
_struct_conn.pdbx_ptnr3_label_atom_id 
_struct_conn.pdbx_ptnr3_label_seq_id 
_struct_conn.pdbx_ptnr3_label_comp_id 
_struct_conn.pdbx_ptnr3_label_asym_id 
_struct_conn.pdbx_ptnr3_label_alt_id 
_struct_conn.pdbx_ptnr3_PDB_ins_code 
_struct_conn.details 
_struct_conn.pdbx_dist_value 
_struct_conn.pdbx_value_order 
_struct_conn.pdbx_role 
covale1  covale one ? A TMS 1 O2 ? ? ? 1_555 A DT 2 P  ? ? A TMS 1 A DT 2 1_555 ? ? ? ? ? ? ?            1.486 ? ? 
covale2  covale one ? B TMS 1 O2 ? ? ? 1_555 B DT 2 P  ? ? B TMS 1 B DT 2 1_555 ? ? ? ? ? ? ?            1.486 ? ? 
hydrog1  hydrog ?   ? A DT  2 N3 ? ? ? 1_555 B DA 7 N1 ? ? A DT  2 B DA 7 1_555 ? ? ? ? ? ? WATSON-CRICK ?     ? ? 
hydrog2  hydrog ?   ? A DT  2 O4 ? ? ? 1_555 B DA 7 N6 ? ? A DT  2 B DA 7 1_555 ? ? ? ? ? ? WATSON-CRICK ?     ? ? 
hydrog3  hydrog ?   ? A DG  3 N1 ? ? ? 1_555 B DC 6 N3 ? ? A DG  3 B DC 6 1_555 ? ? ? ? ? ? WATSON-CRICK ?     ? ? 
hydrog4  hydrog ?   ? A DG  3 N2 ? ? ? 1_555 B DC 6 O2 ? ? A DG  3 B DC 6 1_555 ? ? ? ? ? ? WATSON-CRICK ?     ? ? 
hydrog5  hydrog ?   ? A DG  3 O6 ? ? ? 1_555 B DC 6 N4 ? ? A DG  3 B DC 6 1_555 ? ? ? ? ? ? WATSON-CRICK ?     ? ? 
hydrog6  hydrog ?   ? A DC  4 N3 ? ? ? 1_555 B DG 5 N1 ? ? A DC  4 B DG 5 1_555 ? ? ? ? ? ? WATSON-CRICK ?     ? ? 
hydrog7  hydrog ?   ? A DC  4 N4 ? ? ? 1_555 B DG 5 O6 ? ? A DC  4 B DG 5 1_555 ? ? ? ? ? ? WATSON-CRICK ?     ? ? 
hydrog8  hydrog ?   ? A DC  4 O2 ? ? ? 1_555 B DG 5 N2 ? ? A DC  4 B DG 5 1_555 ? ? ? ? ? ? WATSON-CRICK ?     ? ? 
hydrog9  hydrog ?   ? A DG  5 N1 ? ? ? 1_555 B DC 4 N3 ? ? A DG  5 B DC 4 1_555 ? ? ? ? ? ? WATSON-CRICK ?     ? ? 
hydrog10 hydrog ?   ? A DG  5 N2 ? ? ? 1_555 B DC 4 O2 ? ? A DG  5 B DC 4 1_555 ? ? ? ? ? ? WATSON-CRICK ?     ? ? 
hydrog11 hydrog ?   ? A DG  5 O6 ? ? ? 1_555 B DC 4 N4 ? ? A DG  5 B DC 4 1_555 ? ? ? ? ? ? WATSON-CRICK ?     ? ? 
hydrog12 hydrog ?   ? A DC  6 N3 ? ? ? 1_555 B DG 3 N1 ? ? A DC  6 B DG 3 1_555 ? ? ? ? ? ? WATSON-CRICK ?     ? ? 
hydrog13 hydrog ?   ? A DC  6 N4 ? ? ? 1_555 B DG 3 O6 ? ? A DC  6 B DG 3 1_555 ? ? ? ? ? ? WATSON-CRICK ?     ? ? 
hydrog14 hydrog ?   ? A DC  6 O2 ? ? ? 1_555 B DG 3 N2 ? ? A DC  6 B DG 3 1_555 ? ? ? ? ? ? WATSON-CRICK ?     ? ? 
hydrog15 hydrog ?   ? A DA  7 N1 ? ? ? 1_555 B DT 2 N3 ? ? A DA  7 B DT 2 1_555 ? ? ? ? ? ? WATSON-CRICK ?     ? ? 
hydrog16 hydrog ?   ? A DA  7 N6 ? ? ? 1_555 B DT 2 O4 ? ? A DA  7 B DT 2 1_555 ? ? ? ? ? ? WATSON-CRICK ?     ? ? 
# 
loop_
_struct_conn_type.id 
_struct_conn_type.criteria 
_struct_conn_type.reference 
covale ? ? 
hydrog ? ? 
# 
_pdbx_nmr_ensemble.entry_id                                      1X6W 
_pdbx_nmr_ensemble.conformers_calculated_total_number            ? 
_pdbx_nmr_ensemble.conformers_submitted_total_number             2 
_pdbx_nmr_ensemble.conformer_selection_criteria                  'structures with the lowest energy' 
_pdbx_nmr_ensemble.average_constraints_per_residue               ? 
_pdbx_nmr_ensemble.average_constraint_violations_per_residue     ? 
_pdbx_nmr_ensemble.maximum_distance_constraint_violation         ? 
_pdbx_nmr_ensemble.average_distance_constraint_violation         ? 
_pdbx_nmr_ensemble.maximum_upper_distance_constraint_violation   ? 
_pdbx_nmr_ensemble.maximum_lower_distance_constraint_violation   ? 
_pdbx_nmr_ensemble.distance_constraint_violation_method          ? 
_pdbx_nmr_ensemble.maximum_torsion_angle_constraint_violation    ? 
_pdbx_nmr_ensemble.average_torsion_angle_constraint_violation    ? 
_pdbx_nmr_ensemble.torsion_angle_constraint_violation_method     ? 
# 
_pdbx_nmr_representative.entry_id             1X6W 
_pdbx_nmr_representative.conformer_id         1 
_pdbx_nmr_representative.selection_criteria   'minimized average structure' 
# 
loop_
_pdbx_nmr_sample_details.solution_id 
_pdbx_nmr_sample_details.contents 
_pdbx_nmr_sample_details.solvent_system 
1 'analyte buffer, salt, D2O'             D2O               
2 'analyte buffer, salt, H2O/D2O (85:15)' 'H2O/D2O (85:15)' 
# 
loop_
_pdbx_nmr_exptl_sample_conditions.conditions_id 
_pdbx_nmr_exptl_sample_conditions.temperature 
_pdbx_nmr_exptl_sample_conditions.pressure 
_pdbx_nmr_exptl_sample_conditions.pH 
_pdbx_nmr_exptl_sample_conditions.ionic_strength 
_pdbx_nmr_exptl_sample_conditions.pressure_units 
_pdbx_nmr_exptl_sample_conditions.temperature_units 
1 288 ambient 7 '165 mM Phosphat buffer (KH2PO4/K2HPO4), NaCl at pH 7 (uncorrected for deuterium effect)' ? K 
2 288 ambient 7 '165 mM Phosphat buffer (KH2PO4/K2HPO4), NaCl at pH 7 (uncorrected for deuterium effect)' ? K 
# 
loop_
_pdbx_nmr_exptl.experiment_id 
_pdbx_nmr_exptl.solution_id 
_pdbx_nmr_exptl.conditions_id 
_pdbx_nmr_exptl.type 
1 1 1 '2D NOESY, DQF-COSY, TOCSY' 
2 1 1 '2D NOESY'                  
# 
_pdbx_nmr_refine.entry_id           1X6W 
_pdbx_nmr_refine.method             'Torsion-Angle Molecular Dynamics' 
_pdbx_nmr_refine.details            ? 
_pdbx_nmr_refine.software_ordinal   1 
# 
loop_
_pdbx_nmr_software.name 
_pdbx_nmr_software.version 
_pdbx_nmr_software.classification 
_pdbx_nmr_software.authors 
_pdbx_nmr_software.ordinal 
CNS 1.0 'structure solution' Brunger 1 
CNS 1.0 refinement           Brunger 2 
# 
loop_
_chem_comp_atom.comp_id 
_chem_comp_atom.atom_id 
_chem_comp_atom.type_symbol 
_chem_comp_atom.pdbx_aromatic_flag 
_chem_comp_atom.pdbx_stereo_config 
_chem_comp_atom.pdbx_ordinal 
DA  OP3    O N N 1   
DA  P      P N N 2   
DA  OP1    O N N 3   
DA  OP2    O N N 4   
DA  "O5'"  O N N 5   
DA  "C5'"  C N N 6   
DA  "C4'"  C N R 7   
DA  "O4'"  O N N 8   
DA  "C3'"  C N S 9   
DA  "O3'"  O N N 10  
DA  "C2'"  C N N 11  
DA  "C1'"  C N R 12  
DA  N9     N Y N 13  
DA  C8     C Y N 14  
DA  N7     N Y N 15  
DA  C5     C Y N 16  
DA  C6     C Y N 17  
DA  N6     N N N 18  
DA  N1     N Y N 19  
DA  C2     C Y N 20  
DA  N3     N Y N 21  
DA  C4     C Y N 22  
DA  HOP3   H N N 23  
DA  HOP2   H N N 24  
DA  "H5'"  H N N 25  
DA  "H5''" H N N 26  
DA  "H4'"  H N N 27  
DA  "H3'"  H N N 28  
DA  "HO3'" H N N 29  
DA  "H2'"  H N N 30  
DA  "H2''" H N N 31  
DA  "H1'"  H N N 32  
DA  H8     H N N 33  
DA  H61    H N N 34  
DA  H62    H N N 35  
DA  H2     H N N 36  
DC  OP3    O N N 37  
DC  P      P N N 38  
DC  OP1    O N N 39  
DC  OP2    O N N 40  
DC  "O5'"  O N N 41  
DC  "C5'"  C N N 42  
DC  "C4'"  C N R 43  
DC  "O4'"  O N N 44  
DC  "C3'"  C N S 45  
DC  "O3'"  O N N 46  
DC  "C2'"  C N N 47  
DC  "C1'"  C N R 48  
DC  N1     N N N 49  
DC  C2     C N N 50  
DC  O2     O N N 51  
DC  N3     N N N 52  
DC  C4     C N N 53  
DC  N4     N N N 54  
DC  C5     C N N 55  
DC  C6     C N N 56  
DC  HOP3   H N N 57  
DC  HOP2   H N N 58  
DC  "H5'"  H N N 59  
DC  "H5''" H N N 60  
DC  "H4'"  H N N 61  
DC  "H3'"  H N N 62  
DC  "HO3'" H N N 63  
DC  "H2'"  H N N 64  
DC  "H2''" H N N 65  
DC  "H1'"  H N N 66  
DC  H41    H N N 67  
DC  H42    H N N 68  
DC  H5     H N N 69  
DC  H6     H N N 70  
DG  OP3    O N N 71  
DG  P      P N N 72  
DG  OP1    O N N 73  
DG  OP2    O N N 74  
DG  "O5'"  O N N 75  
DG  "C5'"  C N N 76  
DG  "C4'"  C N R 77  
DG  "O4'"  O N N 78  
DG  "C3'"  C N S 79  
DG  "O3'"  O N N 80  
DG  "C2'"  C N N 81  
DG  "C1'"  C N R 82  
DG  N9     N Y N 83  
DG  C8     C Y N 84  
DG  N7     N Y N 85  
DG  C5     C Y N 86  
DG  C6     C N N 87  
DG  O6     O N N 88  
DG  N1     N N N 89  
DG  C2     C N N 90  
DG  N2     N N N 91  
DG  N3     N N N 92  
DG  C4     C Y N 93  
DG  HOP3   H N N 94  
DG  HOP2   H N N 95  
DG  "H5'"  H N N 96  
DG  "H5''" H N N 97  
DG  "H4'"  H N N 98  
DG  "H3'"  H N N 99  
DG  "HO3'" H N N 100 
DG  "H2'"  H N N 101 
DG  "H2''" H N N 102 
DG  "H1'"  H N N 103 
DG  H8     H N N 104 
DG  H1     H N N 105 
DG  H21    H N N 106 
DG  H22    H N N 107 
DT  OP3    O N N 108 
DT  P      P N N 109 
DT  OP1    O N N 110 
DT  OP2    O N N 111 
DT  "O5'"  O N N 112 
DT  "C5'"  C N N 113 
DT  "C4'"  C N R 114 
DT  "O4'"  O N N 115 
DT  "C3'"  C N S 116 
DT  "O3'"  O N N 117 
DT  "C2'"  C N N 118 
DT  "C1'"  C N R 119 
DT  N1     N N N 120 
DT  C2     C N N 121 
DT  O2     O N N 122 
DT  N3     N N N 123 
DT  C4     C N N 124 
DT  O4     O N N 125 
DT  C5     C N N 126 
DT  C7     C N N 127 
DT  C6     C N N 128 
DT  HOP3   H N N 129 
DT  HOP2   H N N 130 
DT  "H5'"  H N N 131 
DT  "H5''" H N N 132 
DT  "H4'"  H N N 133 
DT  "H3'"  H N N 134 
DT  "HO3'" H N N 135 
DT  "H2'"  H N N 136 
DT  "H2''" H N N 137 
DT  "H1'"  H N N 138 
DT  H3     H N N 139 
DT  H71    H N N 140 
DT  H72    H N N 141 
DT  H73    H N N 142 
DT  H6     H N N 143 
TMS C1     C N N 144 
TMS O20    O N N 145 
TMS C20    C N N 146 
TMS O21    O N N 147 
TMS C21    C N N 148 
TMS O22    O N N 149 
TMS C22    C N N 150 
TMS C2     C N N 151 
TMS C3     C Y N 152 
TMS C4     C Y N 153 
TMS C5     C Y N 154 
TMS C6     C Y N 155 
TMS C7     C Y N 156 
TMS C8     C Y N 157 
TMS C9     C Y N 158 
TMS C10    C Y N 159 
TMS C11    C Y N 160 
TMS C12    C Y N 161 
TMS C13    C Y N 162 
TMS C14    C Y N 163 
TMS C15    C N N 164 
TMS N1     N N N 165 
TMS C16    C N N 166 
TMS O1     O N N 167 
TMS C17    C N N 168 
TMS C18    C N N 169 
TMS O2     O N N 170 
TMS HE2    H N N 171 
TMS HGA    H N N 172 
TMS HGB    H N N 173 
TMS HGC    H N N 174 
TMS H1A    H N N 175 
TMS H1B    H N N 176 
TMS H1C    H N N 177 
TMS HFA    H N N 178 
TMS HFB    H N N 179 
TMS HFC    H N N 180 
TMS HE3    H N N 181 
TMS HC4    H N N 182 
TMS HC5    H N N 183 
TMS HB6    H N N 184 
TMS HB7    H N N 185 
TMS HD8    H N N 186 
TMS HD9    H N N 187 
TMS H1     H N N 188 
TMS HJB    H N N 189 
TMS HJA    H N N 190 
TMS HKA    H N N 191 
TMS HKB    H N N 192 
TMS HLB    H N N 193 
TMS HLA    H N N 194 
TMS HO2    H N N 195 
# 
loop_
_chem_comp_bond.comp_id 
_chem_comp_bond.atom_id_1 
_chem_comp_bond.atom_id_2 
_chem_comp_bond.value_order 
_chem_comp_bond.pdbx_aromatic_flag 
_chem_comp_bond.pdbx_stereo_config 
_chem_comp_bond.pdbx_ordinal 
DA  OP3   P      sing N N 1   
DA  OP3   HOP3   sing N N 2   
DA  P     OP1    doub N N 3   
DA  P     OP2    sing N N 4   
DA  P     "O5'"  sing N N 5   
DA  OP2   HOP2   sing N N 6   
DA  "O5'" "C5'"  sing N N 7   
DA  "C5'" "C4'"  sing N N 8   
DA  "C5'" "H5'"  sing N N 9   
DA  "C5'" "H5''" sing N N 10  
DA  "C4'" "O4'"  sing N N 11  
DA  "C4'" "C3'"  sing N N 12  
DA  "C4'" "H4'"  sing N N 13  
DA  "O4'" "C1'"  sing N N 14  
DA  "C3'" "O3'"  sing N N 15  
DA  "C3'" "C2'"  sing N N 16  
DA  "C3'" "H3'"  sing N N 17  
DA  "O3'" "HO3'" sing N N 18  
DA  "C2'" "C1'"  sing N N 19  
DA  "C2'" "H2'"  sing N N 20  
DA  "C2'" "H2''" sing N N 21  
DA  "C1'" N9     sing N N 22  
DA  "C1'" "H1'"  sing N N 23  
DA  N9    C8     sing Y N 24  
DA  N9    C4     sing Y N 25  
DA  C8    N7     doub Y N 26  
DA  C8    H8     sing N N 27  
DA  N7    C5     sing Y N 28  
DA  C5    C6     sing Y N 29  
DA  C5    C4     doub Y N 30  
DA  C6    N6     sing N N 31  
DA  C6    N1     doub Y N 32  
DA  N6    H61    sing N N 33  
DA  N6    H62    sing N N 34  
DA  N1    C2     sing Y N 35  
DA  C2    N3     doub Y N 36  
DA  C2    H2     sing N N 37  
DA  N3    C4     sing Y N 38  
DC  OP3   P      sing N N 39  
DC  OP3   HOP3   sing N N 40  
DC  P     OP1    doub N N 41  
DC  P     OP2    sing N N 42  
DC  P     "O5'"  sing N N 43  
DC  OP2   HOP2   sing N N 44  
DC  "O5'" "C5'"  sing N N 45  
DC  "C5'" "C4'"  sing N N 46  
DC  "C5'" "H5'"  sing N N 47  
DC  "C5'" "H5''" sing N N 48  
DC  "C4'" "O4'"  sing N N 49  
DC  "C4'" "C3'"  sing N N 50  
DC  "C4'" "H4'"  sing N N 51  
DC  "O4'" "C1'"  sing N N 52  
DC  "C3'" "O3'"  sing N N 53  
DC  "C3'" "C2'"  sing N N 54  
DC  "C3'" "H3'"  sing N N 55  
DC  "O3'" "HO3'" sing N N 56  
DC  "C2'" "C1'"  sing N N 57  
DC  "C2'" "H2'"  sing N N 58  
DC  "C2'" "H2''" sing N N 59  
DC  "C1'" N1     sing N N 60  
DC  "C1'" "H1'"  sing N N 61  
DC  N1    C2     sing N N 62  
DC  N1    C6     sing N N 63  
DC  C2    O2     doub N N 64  
DC  C2    N3     sing N N 65  
DC  N3    C4     doub N N 66  
DC  C4    N4     sing N N 67  
DC  C4    C5     sing N N 68  
DC  N4    H41    sing N N 69  
DC  N4    H42    sing N N 70  
DC  C5    C6     doub N N 71  
DC  C5    H5     sing N N 72  
DC  C6    H6     sing N N 73  
DG  OP3   P      sing N N 74  
DG  OP3   HOP3   sing N N 75  
DG  P     OP1    doub N N 76  
DG  P     OP2    sing N N 77  
DG  P     "O5'"  sing N N 78  
DG  OP2   HOP2   sing N N 79  
DG  "O5'" "C5'"  sing N N 80  
DG  "C5'" "C4'"  sing N N 81  
DG  "C5'" "H5'"  sing N N 82  
DG  "C5'" "H5''" sing N N 83  
DG  "C4'" "O4'"  sing N N 84  
DG  "C4'" "C3'"  sing N N 85  
DG  "C4'" "H4'"  sing N N 86  
DG  "O4'" "C1'"  sing N N 87  
DG  "C3'" "O3'"  sing N N 88  
DG  "C3'" "C2'"  sing N N 89  
DG  "C3'" "H3'"  sing N N 90  
DG  "O3'" "HO3'" sing N N 91  
DG  "C2'" "C1'"  sing N N 92  
DG  "C2'" "H2'"  sing N N 93  
DG  "C2'" "H2''" sing N N 94  
DG  "C1'" N9     sing N N 95  
DG  "C1'" "H1'"  sing N N 96  
DG  N9    C8     sing Y N 97  
DG  N9    C4     sing Y N 98  
DG  C8    N7     doub Y N 99  
DG  C8    H8     sing N N 100 
DG  N7    C5     sing Y N 101 
DG  C5    C6     sing N N 102 
DG  C5    C4     doub Y N 103 
DG  C6    O6     doub N N 104 
DG  C6    N1     sing N N 105 
DG  N1    C2     sing N N 106 
DG  N1    H1     sing N N 107 
DG  C2    N2     sing N N 108 
DG  C2    N3     doub N N 109 
DG  N2    H21    sing N N 110 
DG  N2    H22    sing N N 111 
DG  N3    C4     sing N N 112 
DT  OP3   P      sing N N 113 
DT  OP3   HOP3   sing N N 114 
DT  P     OP1    doub N N 115 
DT  P     OP2    sing N N 116 
DT  P     "O5'"  sing N N 117 
DT  OP2   HOP2   sing N N 118 
DT  "O5'" "C5'"  sing N N 119 
DT  "C5'" "C4'"  sing N N 120 
DT  "C5'" "H5'"  sing N N 121 
DT  "C5'" "H5''" sing N N 122 
DT  "C4'" "O4'"  sing N N 123 
DT  "C4'" "C3'"  sing N N 124 
DT  "C4'" "H4'"  sing N N 125 
DT  "O4'" "C1'"  sing N N 126 
DT  "C3'" "O3'"  sing N N 127 
DT  "C3'" "C2'"  sing N N 128 
DT  "C3'" "H3'"  sing N N 129 
DT  "O3'" "HO3'" sing N N 130 
DT  "C2'" "C1'"  sing N N 131 
DT  "C2'" "H2'"  sing N N 132 
DT  "C2'" "H2''" sing N N 133 
DT  "C1'" N1     sing N N 134 
DT  "C1'" "H1'"  sing N N 135 
DT  N1    C2     sing N N 136 
DT  N1    C6     sing N N 137 
DT  C2    O2     doub N N 138 
DT  C2    N3     sing N N 139 
DT  N3    C4     sing N N 140 
DT  N3    H3     sing N N 141 
DT  C4    O4     doub N N 142 
DT  C4    C5     sing N N 143 
DT  C5    C7     sing N N 144 
DT  C5    C6     doub N N 145 
DT  C7    H71    sing N N 146 
DT  C7    H72    sing N N 147 
DT  C7    H73    sing N N 148 
DT  C6    H6     sing N N 149 
TMS C1    C2     doub N E 150 
TMS C1    C3     sing N N 151 
TMS C1    HE2    sing N N 152 
TMS O20   C20    sing N N 153 
TMS O20   C11    sing N N 154 
TMS C20   HGA    sing N N 155 
TMS C20   HGB    sing N N 156 
TMS C20   HGC    sing N N 157 
TMS O21   C21    sing N N 158 
TMS O21   C14    sing N N 159 
TMS C21   H1A    sing N N 160 
TMS C21   H1B    sing N N 161 
TMS C21   H1C    sing N N 162 
TMS O22   C22    sing N N 163 
TMS O22   C12    sing N N 164 
TMS C22   HFA    sing N N 165 
TMS C22   HFB    sing N N 166 
TMS C22   HFC    sing N N 167 
TMS C2    C4     sing N N 168 
TMS C2    HE3    sing N N 169 
TMS C3    C5     doub Y N 170 
TMS C3    C6     sing Y N 171 
TMS C4    C7     doub Y N 172 
TMS C4    C8     sing Y N 173 
TMS C5    C9     sing Y N 174 
TMS C5    HC4    sing N N 175 
TMS C6    C10    doub Y N 176 
TMS C6    HC5    sing N N 177 
TMS C7    C11    sing Y N 178 
TMS C7    HB6    sing N N 179 
TMS C8    C12    doub Y N 180 
TMS C8    HB7    sing N N 181 
TMS C9    C13    doub Y N 182 
TMS C9    HD8    sing N N 183 
TMS C10   C13    sing Y N 184 
TMS C10   HD9    sing N N 185 
TMS C11   C14    doub Y N 186 
TMS C12   C14    sing Y N 187 
TMS C13   C15    sing N N 188 
TMS C15   N1     sing N N 189 
TMS C15   O1     doub N N 190 
TMS N1    C16    sing N N 191 
TMS N1    H1     sing N N 192 
TMS C16   C17    sing N N 193 
TMS C16   HJB    sing N N 194 
TMS C16   HJA    sing N N 195 
TMS C17   C18    sing N N 196 
TMS C17   HKA    sing N N 197 
TMS C17   HKB    sing N N 198 
TMS C18   O2     sing N N 199 
TMS C18   HLB    sing N N 200 
TMS C18   HLA    sing N N 201 
TMS O2    HO2    sing N N 202 
# 
_ndb_struct_conf_na.entry_id   1X6W 
_ndb_struct_conf_na.feature    'double helix' 
# 
loop_
_ndb_struct_na_base_pair.model_number 
_ndb_struct_na_base_pair.i_label_asym_id 
_ndb_struct_na_base_pair.i_label_comp_id 
_ndb_struct_na_base_pair.i_label_seq_id 
_ndb_struct_na_base_pair.i_symmetry 
_ndb_struct_na_base_pair.j_label_asym_id 
_ndb_struct_na_base_pair.j_label_comp_id 
_ndb_struct_na_base_pair.j_label_seq_id 
_ndb_struct_na_base_pair.j_symmetry 
_ndb_struct_na_base_pair.shear 
_ndb_struct_na_base_pair.stretch 
_ndb_struct_na_base_pair.stagger 
_ndb_struct_na_base_pair.buckle 
_ndb_struct_na_base_pair.propeller 
_ndb_struct_na_base_pair.opening 
_ndb_struct_na_base_pair.pair_number 
_ndb_struct_na_base_pair.pair_name 
_ndb_struct_na_base_pair.i_auth_asym_id 
_ndb_struct_na_base_pair.i_auth_seq_id 
_ndb_struct_na_base_pair.i_PDB_ins_code 
_ndb_struct_na_base_pair.j_auth_asym_id 
_ndb_struct_na_base_pair.j_auth_seq_id 
_ndb_struct_na_base_pair.j_PDB_ins_code 
_ndb_struct_na_base_pair.hbond_type_28 
_ndb_struct_na_base_pair.hbond_type_12 
1 A DT 2 1_555 B DA 7 1_555 -0.066 -0.264 -0.038 4.486  0.174 2.484  1 A_DT2:DA7_B A 2 ? B 7 ? 20 1 
1 A DG 3 1_555 B DC 6 1_555 -0.755 -0.371 -0.126 1.008  1.194 -0.098 2 A_DG3:DC6_B A 3 ? B 6 ? 19 1 
1 A DC 4 1_555 B DG 5 1_555 0.549  -0.295 -0.245 2.996  6.377 0.268  3 A_DC4:DG5_B A 4 ? B 5 ? 19 1 
1 A DG 5 1_555 B DC 4 1_555 -0.545 -0.295 -0.247 -2.924 6.401 0.256  4 A_DG5:DC4_B A 5 ? B 4 ? 19 1 
1 A DC 6 1_555 B DG 3 1_555 0.752  -0.370 -0.124 -1.077 1.152 -0.114 5 A_DC6:DG3_B A 6 ? B 3 ? 19 1 
1 A DA 7 1_555 B DT 2 1_555 0.067  -0.263 -0.039 -4.469 0.305 2.466  6 A_DA7:DT2_B A 7 ? B 2 ? 20 1 
# 
loop_
_ndb_struct_na_base_pair_step.model_number 
_ndb_struct_na_base_pair_step.i_label_asym_id_1 
_ndb_struct_na_base_pair_step.i_label_comp_id_1 
_ndb_struct_na_base_pair_step.i_label_seq_id_1 
_ndb_struct_na_base_pair_step.i_symmetry_1 
_ndb_struct_na_base_pair_step.j_label_asym_id_1 
_ndb_struct_na_base_pair_step.j_label_comp_id_1 
_ndb_struct_na_base_pair_step.j_label_seq_id_1 
_ndb_struct_na_base_pair_step.j_symmetry_1 
_ndb_struct_na_base_pair_step.i_label_asym_id_2 
_ndb_struct_na_base_pair_step.i_label_comp_id_2 
_ndb_struct_na_base_pair_step.i_label_seq_id_2 
_ndb_struct_na_base_pair_step.i_symmetry_2 
_ndb_struct_na_base_pair_step.j_label_asym_id_2 
_ndb_struct_na_base_pair_step.j_label_comp_id_2 
_ndb_struct_na_base_pair_step.j_label_seq_id_2 
_ndb_struct_na_base_pair_step.j_symmetry_2 
_ndb_struct_na_base_pair_step.shift 
_ndb_struct_na_base_pair_step.slide 
_ndb_struct_na_base_pair_step.rise 
_ndb_struct_na_base_pair_step.tilt 
_ndb_struct_na_base_pair_step.roll 
_ndb_struct_na_base_pair_step.twist 
_ndb_struct_na_base_pair_step.x_displacement 
_ndb_struct_na_base_pair_step.y_displacement 
_ndb_struct_na_base_pair_step.helical_rise 
_ndb_struct_na_base_pair_step.inclination 
_ndb_struct_na_base_pair_step.tip 
_ndb_struct_na_base_pair_step.helical_twist 
_ndb_struct_na_base_pair_step.step_number 
_ndb_struct_na_base_pair_step.step_name 
_ndb_struct_na_base_pair_step.i_auth_asym_id_1 
_ndb_struct_na_base_pair_step.i_auth_seq_id_1 
_ndb_struct_na_base_pair_step.i_PDB_ins_code_1 
_ndb_struct_na_base_pair_step.j_auth_asym_id_1 
_ndb_struct_na_base_pair_step.j_auth_seq_id_1 
_ndb_struct_na_base_pair_step.j_PDB_ins_code_1 
_ndb_struct_na_base_pair_step.i_auth_asym_id_2 
_ndb_struct_na_base_pair_step.i_auth_seq_id_2 
_ndb_struct_na_base_pair_step.i_PDB_ins_code_2 
_ndb_struct_na_base_pair_step.j_auth_asym_id_2 
_ndb_struct_na_base_pair_step.j_auth_seq_id_2 
_ndb_struct_na_base_pair_step.j_PDB_ins_code_2 
1 A DT 2 1_555 B DA 7 1_555 A DG 3 1_555 B DC 6 1_555 0.373  -1.021 3.039 0.823  6.805 33.889 -2.666 -0.513 2.796 11.529 -1.394 
34.556 1 AA_DT2DG3:DC6DA7_BB A 2 ? B 7 ? A 3 ? B 6 ? 
1 A DG 3 1_555 B DC 6 1_555 A DC 4 1_555 B DG 5 1_555 0.166  -0.057 3.272 0.383  3.200 43.859 -0.379 -0.185 3.261 4.277  -0.513 
43.971 2 AA_DG3DC4:DG5DC6_BB A 3 ? B 6 ? A 4 ? B 5 ? 
1 A DC 4 1_555 B DG 5 1_555 A DG 5 1_555 B DC 4 1_555 -0.003 -1.500 3.574 0.047  1.876 27.445 -3.650 0.019  3.466 3.949  -0.100 
27.507 3 AA_DC4DG5:DC4DG5_BB A 4 ? B 5 ? A 5 ? B 4 ? 
1 A DG 5 1_555 B DC 4 1_555 A DC 6 1_555 B DG 3 1_555 -0.166 -0.058 3.274 -0.436 3.232 43.842 -0.384 0.180  3.263 4.322  0.582  
43.958 4 AA_DG5DC6:DG3DC4_BB A 5 ? B 4 ? A 6 ? B 3 ? 
1 A DC 6 1_555 B DG 3 1_555 A DA 7 1_555 B DT 2 1_555 -0.375 -1.017 3.038 -0.830 6.781 33.894 -2.657 0.515  2.797 11.486 1.406  
34.556 5 AA_DC6DA7:DT2DG3_BB A 6 ? B 3 ? A 7 ? B 2 ? 
# 
loop_
_pdbx_nmr_spectrometer.spectrometer_id 
_pdbx_nmr_spectrometer.type 
_pdbx_nmr_spectrometer.manufacturer 
_pdbx_nmr_spectrometer.model 
_pdbx_nmr_spectrometer.field_strength 
1 ? Bruker DRX 600 
2 ? Bruker DRX 600 
# 
_atom_sites.entry_id                    1X6W 
_atom_sites.fract_transf_matrix[1][1]   1.000000 
_atom_sites.fract_transf_matrix[1][2]   0.000000 
_atom_sites.fract_transf_matrix[1][3]   0.000000 
_atom_sites.fract_transf_matrix[2][1]   0.000000 
_atom_sites.fract_transf_matrix[2][2]   1.000000 
_atom_sites.fract_transf_matrix[2][3]   0.000000 
_atom_sites.fract_transf_matrix[3][1]   0.000000 
_atom_sites.fract_transf_matrix[3][2]   0.000000 
_atom_sites.fract_transf_matrix[3][3]   1.000000 
_atom_sites.fract_transf_vector[1]      0.00000 
_atom_sites.fract_transf_vector[2]      0.00000 
_atom_sites.fract_transf_vector[3]      0.00000 
# 
loop_
_atom_type.symbol 
C 
H 
N 
O 
P 
# 
loop_
_atom_site.group_PDB 
_atom_site.id 
_atom_site.type_symbol 
_atom_site.label_atom_id 
_atom_site.label_alt_id 
_atom_site.label_comp_id 
_atom_site.label_asym_id 
_atom_site.label_entity_id 
_atom_site.label_seq_id 
_atom_site.pdbx_PDB_ins_code 
_atom_site.Cartn_x 
_atom_site.Cartn_y 
_atom_site.Cartn_z 
_atom_site.occupancy 
_atom_site.B_iso_or_equiv 
_atom_site.pdbx_formal_charge 
_atom_site.auth_seq_id 
_atom_site.auth_comp_id 
_atom_site.auth_asym_id 
_atom_site.auth_atom_id 
_atom_site.pdbx_PDB_model_num 
HETATM 1   C C1     . TMS A 1 1 ? -8.480  1.457  -7.422  0.80 0.00 ? 1 TMS A C1     1 
HETATM 2   O O20    . TMS A 1 1 ? -6.191  -2.099 -11.908 0.80 0.00 ? 1 TMS A O20    1 
HETATM 3   C C20    . TMS A 1 1 ? -6.985  -3.239 -11.611 0.80 0.00 ? 1 TMS A C20    1 
HETATM 4   O O21    . TMS A 1 1 ? -4.651  0.004  -12.545 0.80 0.00 ? 1 TMS A O21    1 
HETATM 5   C C21    . TMS A 1 1 ? -3.445  -0.648 -12.256 0.80 0.00 ? 1 TMS A C21    1 
HETATM 6   O O22    . TMS A 1 1 ? -4.799  2.290  -11.154 0.80 0.00 ? 1 TMS A O22    1 
HETATM 7   C C22    . TMS A 1 1 ? -4.827  3.532  -10.463 0.80 0.00 ? 1 TMS A C22    1 
HETATM 8   C C2     . TMS A 1 1 ? -8.290  0.369  -8.180  0.80 0.00 ? 1 TMS A C2     1 
HETATM 9   C C3     . TMS A 1 1 ? -9.437  1.518  -6.292  0.80 0.00 ? 1 TMS A C3     1 
HETATM 10  C C4     . TMS A 1 1 ? -7.337  0.297  -9.311  0.80 0.00 ? 1 TMS A C4     1 
HETATM 11  C C5     . TMS A 1 1 ? -10.228 0.392  -5.995  0.80 0.00 ? 1 TMS A C5     1 
HETATM 12  C C6     . TMS A 1 1 ? -9.586  2.670  -5.494  0.80 0.00 ? 1 TMS A C6     1 
HETATM 13  C C7     . TMS A 1 1 ? -7.240  -0.893 -10.059 0.80 0.00 ? 1 TMS A C7     1 
HETATM 14  C C8     . TMS A 1 1 ? -6.517  1.388  -9.666  0.80 0.00 ? 1 TMS A C8     1 
HETATM 15  C C9     . TMS A 1 1 ? -11.146 0.412  -4.932  0.80 0.00 ? 1 TMS A C9     1 
HETATM 16  C C10    . TMS A 1 1 ? -10.504 2.690  -4.428  0.80 0.00 ? 1 TMS A C10    1 
HETATM 17  C C11    . TMS A 1 1 ? -6.346  -0.996 -11.139 0.80 0.00 ? 1 TMS A C11    1 
HETATM 18  C C12    . TMS A 1 1 ? -5.618  1.294  -10.746 0.80 0.00 ? 1 TMS A C12    1 
HETATM 19  C C13    . TMS A 1 1 ? -11.298 1.564  -4.130  0.80 0.00 ? 1 TMS A C13    1 
HETATM 20  C C14    . TMS A 1 1 ? -5.532  0.098  -11.485 0.80 0.00 ? 1 TMS A C14    1 
HETATM 21  C C15    . TMS A 1 1 ? -12.261 1.612  -2.998  0.80 0.00 ? 1 TMS A C15    1 
HETATM 22  N N1     . TMS A 1 1 ? -12.990 0.518  -2.736  0.80 0.00 ? 1 TMS A N1     1 
HETATM 23  C C16    . TMS A 1 1 ? -13.956 0.463  -1.655  0.80 0.00 ? 1 TMS A C16    1 
HETATM 24  O O1     . TMS A 1 1 ? -12.373 2.638  -2.326  0.80 0.00 ? 1 TMS A O1     1 
HETATM 25  C C17    . TMS A 1 1 ? -15.043 -0.517 -1.859  0.80 0.00 ? 1 TMS A C17    1 
HETATM 26  C C18    . TMS A 1 1 ? -14.540 -1.822 -1.385  0.80 0.00 ? 1 TMS A C18    1 
HETATM 27  O O2     . TMS A 1 1 ? -14.732 -2.604 -2.563  0.80 0.00 ? 1 TMS A O2     1 
HETATM 28  H HE2    . TMS A 1 1 ? -7.892  2.357  -7.650  0.80 0.00 ? 1 TMS A HE2    1 
HETATM 29  H HGA    . TMS A 1 1 ? -7.290  -3.714 -12.531 0.80 0.00 ? 1 TMS A HGA    1 
HETATM 30  H HGB    . TMS A 1 1 ? -7.861  -2.933 -11.057 0.80 0.00 ? 1 TMS A HGB    1 
HETATM 31  H HGC    . TMS A 1 1 ? -6.409  -3.936 -11.023 0.80 0.00 ? 1 TMS A HGC    1 
HETATM 32  H H1A    . TMS A 1 1 ? -3.148  -0.418 -11.243 0.80 0.00 ? 1 TMS A H1A    1 
HETATM 33  H H1B    . TMS A 1 1 ? -2.681  -0.311 -12.940 0.80 0.00 ? 1 TMS A H1B    1 
HETATM 34  H H1C    . TMS A 1 1 ? -3.578  -1.715 -12.357 0.80 0.00 ? 1 TMS A H1C    1 
HETATM 35  H HFA    . TMS A 1 1 ? -4.861  4.341  -11.176 0.80 0.00 ? 1 TMS A HFA    1 
HETATM 36  H HFB    . TMS A 1 1 ? -5.703  3.573  -9.832  0.80 0.00 ? 1 TMS A HFB    1 
HETATM 37  H HFC    . TMS A 1 1 ? -3.940  3.626  -9.853  0.80 0.00 ? 1 TMS A HFC    1 
HETATM 38  H HE3    . TMS A 1 1 ? -8.880  -0.530 -7.947  0.80 0.00 ? 1 TMS A HE3    1 
HETATM 39  H HC4    . TMS A 1 1 ? -10.126 -0.516 -6.607  0.80 0.00 ? 1 TMS A HC4    1 
HETATM 40  H HC5    . TMS A 1 1 ? -8.978  3.563  -5.706  0.80 0.00 ? 1 TMS A HC5    1 
HETATM 41  H HB6    . TMS A 1 1 ? -7.874  -1.751 -9.793  0.80 0.00 ? 1 TMS A HB6    1 
HETATM 42  H HB7    . TMS A 1 1 ? -6.580  2.325  -9.091  0.80 0.00 ? 1 TMS A HB7    1 
HETATM 43  H HD8    . TMS A 1 1 ? -11.753 -0.481 -4.720  0.80 0.00 ? 1 TMS A HD8    1 
HETATM 44  H HD9    . TMS A 1 1 ? -10.604 3.601  -3.817  0.80 0.00 ? 1 TMS A HD9    1 
HETATM 45  H H1     . TMS A 1 1 ? -12.875 -0.305 -3.304  0.80 0.00 ? 1 TMS A H1     1 
HETATM 46  H HJB    . TMS A 1 1 ? -13.405 0.163  -0.730  0.80 0.00 ? 1 TMS A HJB    1 
HETATM 47  H HJA    . TMS A 1 1 ? -14.403 1.475  -1.518  0.80 0.00 ? 1 TMS A HJA    1 
HETATM 48  H HKA    . TMS A 1 1 ? -15.940 -0.217 -1.255  0.80 0.00 ? 1 TMS A HKA    1 
HETATM 49  H HKB    . TMS A 1 1 ? -15.288 -0.583 -2.953  0.80 0.00 ? 1 TMS A HKB    1 
HETATM 50  H HLB    . TMS A 1 1 ? -13.446 -1.752 -1.138  0.80 0.00 ? 1 TMS A HLB    1 
HETATM 51  H HLA    . TMS A 1 1 ? -15.111 -2.212 -0.512  0.80 0.00 ? 1 TMS A HLA    1 
ATOM   52  P P      . DT  A 1 2 ? -14.034 -3.909 -2.703  0.80 0.00 ? 2 DT  A P      1 
ATOM   53  O OP1    . DT  A 1 2 ? -14.397 -4.753 -1.536  0.80 0.00 ? 2 DT  A OP1    1 
ATOM   54  O OP2    . DT  A 1 2 ? -14.283 -4.414 -4.077  0.80 0.00 ? 2 DT  A OP2    1 
ATOM   55  O "O5'"  . DT  A 1 2 ? -12.489 -3.539 -2.581  0.80 0.00 ? 2 DT  A "O5'"  1 
ATOM   56  C "C5'"  . DT  A 1 2 ? -11.883 -2.601 -3.473  0.80 0.00 ? 2 DT  A "C5'"  1 
ATOM   57  C "C4'"  . DT  A 1 2 ? -11.007 -3.321 -4.472  0.80 0.00 ? 2 DT  A "C4'"  1 
ATOM   58  O "O4'"  . DT  A 1 2 ? -10.192 -2.345 -5.165  0.80 0.00 ? 2 DT  A "O4'"  1 
ATOM   59  C "C3'"  . DT  A 1 2 ? -10.023 -4.324 -3.870  0.80 0.00 ? 2 DT  A "C3'"  1 
ATOM   60  O "O3'"  . DT  A 1 2 ? -9.798  -5.407 -4.781  0.80 0.00 ? 2 DT  A "O3'"  1 
ATOM   61  C "C2'"  . DT  A 1 2 ? -8.763  -3.498 -3.686  0.80 0.00 ? 2 DT  A "C2'"  1 
ATOM   62  C "C1'"  . DT  A 1 2 ? -8.816  -2.554 -4.876  0.80 0.00 ? 2 DT  A "C1'"  1 
ATOM   63  N N1     . DT  A 1 2 ? -8.198  -1.236 -4.638  0.80 0.00 ? 2 DT  A N1     1 
ATOM   64  C C2     . DT  A 1 2 ? -7.210  -0.816 -5.500  0.80 0.00 ? 2 DT  A C2     1 
ATOM   65  O O2     . DT  A 1 2 ? -6.823  -1.480 -6.447  0.80 0.00 ? 2 DT  A O2     1 
ATOM   66  N N3     . DT  A 1 2 ? -6.688  0.416  -5.213  0.80 0.00 ? 2 DT  A N3     1 
ATOM   67  C C4     . DT  A 1 2 ? -7.043  1.252  -4.177  0.80 0.00 ? 2 DT  A C4     1 
ATOM   68  O O4     . DT  A 1 2 ? -6.488  2.340  -4.053  0.80 0.00 ? 2 DT  A O4     1 
ATOM   69  C C5     . DT  A 1 2 ? -8.086  0.751  -3.310  0.80 0.00 ? 2 DT  A C5     1 
ATOM   70  C C7     . DT  A 1 2 ? -8.533  1.591  -2.155  0.80 0.00 ? 2 DT  A C7     1 
ATOM   71  C C6     . DT  A 1 2 ? -8.608  -0.454 -3.577  0.80 0.00 ? 2 DT  A C6     1 
ATOM   72  H "H5'"  . DT  A 1 2 ? -11.272 -1.899 -2.905  0.80 0.00 ? 2 DT  A "H5'"  1 
ATOM   73  H "H5''" . DT  A 1 2 ? -12.655 -2.049 -4.008  0.80 0.00 ? 2 DT  A "H5''" 1 
ATOM   74  H "H4'"  . DT  A 1 2 ? -11.661 -3.885 -5.139  0.80 0.00 ? 2 DT  A "H4'"  1 
ATOM   75  H "H3'"  . DT  A 1 2 ? -10.394 -4.719 -2.924  0.80 0.00 ? 2 DT  A "H3'"  1 
ATOM   76  H "H2'"  . DT  A 1 2 ? -8.773  -2.966 -2.735  0.80 0.00 ? 2 DT  A "H2'"  1 
ATOM   77  H "H2''" . DT  A 1 2 ? -7.873  -4.126 -3.702  0.80 0.00 ? 2 DT  A "H2''" 1 
ATOM   78  H "H1'"  . DT  A 1 2 ? -8.351  -3.005 -5.755  0.80 0.00 ? 2 DT  A "H1'"  1 
ATOM   79  H H3     . DT  A 1 2 ? -5.957  0.748  -5.828  0.80 0.00 ? 2 DT  A H3     1 
ATOM   80  H H71    . DT  A 1 2 ? -8.564  2.638  -2.455  0.80 0.00 ? 2 DT  A H71    1 
ATOM   81  H H72    . DT  A 1 2 ? -7.835  1.472  -1.326  0.80 0.00 ? 2 DT  A H72    1 
ATOM   82  H H73    . DT  A 1 2 ? -9.528  1.276  -1.839  0.80 0.00 ? 2 DT  A H73    1 
ATOM   83  H H6     . DT  A 1 2 ? -9.394  -0.836 -2.925  0.80 0.00 ? 2 DT  A H6     1 
ATOM   84  P P      . DG  A 1 3 ? -8.768  -6.580 -4.391  0.80 0.00 ? 3 DG  A P      1 
ATOM   85  O OP1    . DG  A 1 3 ? -9.146  -7.798 -5.151  0.80 0.00 ? 3 DG  A OP1    1 
ATOM   86  O OP2    . DG  A 1 3 ? -8.686  -6.636 -2.909  0.80 0.00 ? 3 DG  A OP2    1 
ATOM   87  O "O5'"  . DG  A 1 3 ? -7.366  -6.060 -4.943  0.80 0.00 ? 3 DG  A "O5'"  1 
ATOM   88  C "C5'"  . DG  A 1 3 ? -7.128  -5.933 -6.346  0.80 0.00 ? 3 DG  A "C5'"  1 
ATOM   89  C "C4'"  . DG  A 1 3 ? -5.649  -5.786 -6.618  0.80 0.00 ? 3 DG  A "C4'"  1 
ATOM   90  O "O4'"  . DG  A 1 3 ? -5.285  -4.390 -6.473  0.80 0.00 ? 3 DG  A "O4'"  1 
ATOM   91  C "C3'"  . DG  A 1 3 ? -4.728  -6.565 -5.672  0.80 0.00 ? 3 DG  A "C3'"  1 
ATOM   92  O "O3'"  . DG  A 1 3 ? -3.661  -7.171 -6.416  0.80 0.00 ? 3 DG  A "O3'"  1 
ATOM   93  C "C2'"  . DG  A 1 3 ? -4.200  -5.495 -4.731  0.80 0.00 ? 3 DG  A "C2'"  1 
ATOM   94  C "C1'"  . DG  A 1 3 ? -4.155  -4.281 -5.631  0.80 0.00 ? 3 DG  A "C1'"  1 
ATOM   95  N N9     . DG  A 1 3 ? -4.231  -3.001 -4.933  0.80 0.00 ? 3 DG  A N9     1 
ATOM   96  C C8     . DG  A 1 3 ? -5.109  -2.650 -3.937  0.80 0.00 ? 3 DG  A C8     1 
ATOM   97  N N7     . DG  A 1 3 ? -4.932  -1.434 -3.498  0.80 0.00 ? 3 DG  A N7     1 
ATOM   98  C C5     . DG  A 1 3 ? -3.872  -0.950 -4.252  0.80 0.00 ? 3 DG  A C5     1 
ATOM   99  C C6     . DG  A 1 3 ? -3.227  0.312  -4.227  0.80 0.00 ? 3 DG  A C6     1 
ATOM   100 O O6     . DG  A 1 3 ? -3.472  1.289  -3.511  0.80 0.00 ? 3 DG  A O6     1 
ATOM   101 N N1     . DG  A 1 3 ? -2.196  0.378  -5.159  0.80 0.00 ? 3 DG  A N1     1 
ATOM   102 C C2     . DG  A 1 3 ? -1.834  -0.637 -6.007  0.80 0.00 ? 3 DG  A C2     1 
ATOM   103 N N2     . DG  A 1 3 ? -0.816  -0.381 -6.836  0.80 0.00 ? 3 DG  A N2     1 
ATOM   104 N N3     . DG  A 1 3 ? -2.425  -1.817 -6.043  0.80 0.00 ? 3 DG  A N3     1 
ATOM   105 C C4     . DG  A 1 3 ? -3.429  -1.905 -5.143  0.80 0.00 ? 3 DG  A C4     1 
ATOM   106 H "H5'"  . DG  A 1 3 ? -7.649  -5.054 -6.728  0.80 0.00 ? 3 DG  A "H5'"  1 
ATOM   107 H "H5''" . DG  A 1 3 ? -7.499  -6.818 -6.863  0.80 0.00 ? 3 DG  A "H5''" 1 
ATOM   108 H "H4'"  . DG  A 1 3 ? -5.462  -6.174 -7.621  0.80 0.00 ? 3 DG  A "H4'"  1 
ATOM   109 H "H3'"  . DG  A 1 3 ? -5.278  -7.340 -5.139  0.80 0.00 ? 3 DG  A "H3'"  1 
ATOM   110 H "H2'"  . DG  A 1 3 ? -4.864  -5.354 -3.879  0.80 0.00 ? 3 DG  A "H2'"  1 
ATOM   111 H "H2''" . DG  A 1 3 ? -3.217  -5.757 -4.342  0.80 0.00 ? 3 DG  A "H2''" 1 
ATOM   112 H "H1'"  . DG  A 1 3 ? -3.262  -4.286 -6.258  0.80 0.00 ? 3 DG  A "H1'"  1 
ATOM   113 H H8     . DG  A 1 3 ? -5.869  -3.315 -3.554  0.80 0.00 ? 3 DG  A H8     1 
ATOM   114 H H1     . DG  A 1 3 ? -1.678  1.245  -5.209  0.80 0.00 ? 3 DG  A H1     1 
ATOM   115 H H21    . DG  A 1 3 ? -0.356  0.520  -6.812  0.80 0.00 ? 3 DG  A H21    1 
ATOM   116 H H22    . DG  A 1 3 ? -0.507  -1.091 -7.483  0.80 0.00 ? 3 DG  A H22    1 
ATOM   117 P P      . DC  A 1 4 ? -2.463  -7.917 -5.642  0.80 0.00 ? 4 DC  A P      1 
ATOM   118 O OP1    . DC  A 1 4 ? -2.145  -9.163 -6.385  0.80 0.00 ? 4 DC  A OP1    1 
ATOM   119 O OP2    . DC  A 1 4 ? -2.816  -7.995 -4.201  0.80 0.00 ? 4 DC  A OP2    1 
ATOM   120 O "O5'"  . DC  A 1 4 ? -1.228  -6.919 -5.795  0.80 0.00 ? 4 DC  A "O5'"  1 
ATOM   121 C "C5'"  . DC  A 1 4 ? -0.603  -6.714 -7.064  0.80 0.00 ? 4 DC  A "C5'"  1 
ATOM   122 C "C4'"  . DC  A 1 4 ? 0.623   -5.843 -6.910  0.80 0.00 ? 4 DC  A "C4'"  1 
ATOM   123 O "O4'"  . DC  A 1 4 ? 0.229   -4.580 -6.321  0.80 0.00 ? 4 DC  A "O4'"  1 
ATOM   124 C "C3'"  . DC  A 1 4 ? 1.715   -6.407 -5.999  0.80 0.00 ? 4 DC  A "C3'"  1 
ATOM   125 O "O3'"  . DC  A 1 4 ? 3.009   -6.063 -6.511  0.80 0.00 ? 4 DC  A "O3'"  1 
ATOM   126 C "C2'"  . DC  A 1 4 ? 1.452   -5.718 -4.673  0.80 0.00 ? 4 DC  A "C2'"  1 
ATOM   127 C "C1'"  . DC  A 1 4 ? 0.939   -4.361 -5.114  0.80 0.00 ? 4 DC  A "C1'"  1 
ATOM   128 N N1     . DC  A 1 4 ? 0.023   -3.710 -4.163  0.80 0.00 ? 4 DC  A N1     1 
ATOM   129 C C2     . DC  A 1 4 ? 0.269   -2.387 -3.786  0.80 0.00 ? 4 DC  A C2     1 
ATOM   130 O O2     . DC  A 1 4 ? 1.248   -1.799 -4.267  0.80 0.00 ? 4 DC  A O2     1 
ATOM   131 N N3     . DC  A 1 4 ? -0.565  -1.783 -2.911  0.80 0.00 ? 4 DC  A N3     1 
ATOM   132 C C4     . DC  A 1 4 ? -1.610  -2.449 -2.418  0.80 0.00 ? 4 DC  A C4     1 
ATOM   133 N N4     . DC  A 1 4 ? -2.408  -1.811 -1.560  0.80 0.00 ? 4 DC  A N4     1 
ATOM   134 C C5     . DC  A 1 4 ? -1.886  -3.798 -2.783  0.80 0.00 ? 4 DC  A C5     1 
ATOM   135 C C6     . DC  A 1 4 ? -1.051  -4.384 -3.651  0.80 0.00 ? 4 DC  A C6     1 
ATOM   136 H "H5'"  . DC  A 1 4 ? -1.303  -6.226 -7.742  0.80 0.00 ? 4 DC  A "H5'"  1 
ATOM   137 H "H5''" . DC  A 1 4 ? -0.307  -7.674 -7.487  0.80 0.00 ? 4 DC  A "H5''" 1 
ATOM   138 H "H4'"  . DC  A 1 4 ? 1.071   -5.732 -7.899  0.80 0.00 ? 4 DC  A "H4'"  1 
ATOM   139 H "H3'"  . DC  A 1 4 ? 1.639   -7.491 -5.917  0.80 0.00 ? 4 DC  A "H3'"  1 
ATOM   140 H "H2'"  . DC  A 1 4 ? 0.718   -6.264 -4.080  0.80 0.00 ? 4 DC  A "H2'"  1 
ATOM   141 H "H2''" . DC  A 1 4 ? 2.361   -5.640 -4.077  0.80 0.00 ? 4 DC  A "H2''" 1 
ATOM   142 H "H1'"  . DC  A 1 4 ? 1.764   -3.679 -5.326  0.80 0.00 ? 4 DC  A "H1'"  1 
ATOM   143 H H41    . DC  A 1 4 ? -2.206  -0.854 -1.304  0.80 0.00 ? 4 DC  A H41    1 
ATOM   144 H H42    . DC  A 1 4 ? -3.211  -2.280 -1.166  0.80 0.00 ? 4 DC  A H42    1 
ATOM   145 H H5     . DC  A 1 4 ? -2.743  -4.333 -2.372  0.80 0.00 ? 4 DC  A H5     1 
ATOM   146 H H6     . DC  A 1 4 ? -1.232  -5.416 -3.953  0.80 0.00 ? 4 DC  A H6     1 
ATOM   147 P P      . DG  A 1 5 ? 4.333   -6.438 -5.674  0.80 0.00 ? 5 DG  A P      1 
ATOM   148 O OP1    . DG  A 1 5 ? 5.388   -6.790 -6.657  0.80 0.00 ? 5 DG  A OP1    1 
ATOM   149 O OP2    . DG  A 1 5 ? 3.969   -7.409 -4.610  0.80 0.00 ? 5 DG  A OP2    1 
ATOM   150 O "O5'"  . DG  A 1 5 ? 4.747   -5.066 -4.976  0.80 0.00 ? 5 DG  A "O5'"  1 
ATOM   151 C "C5'"  . DG  A 1 5 ? 4.819   -3.851 -5.726  0.80 0.00 ? 5 DG  A "C5'"  1 
ATOM   152 C "C4'"  . DG  A 1 5 ? 5.579   -2.798 -4.953  0.80 0.00 ? 5 DG  A "C4'"  1 
ATOM   153 O "O4'"  . DG  A 1 5 ? 4.645   -2.061 -4.124  0.80 0.00 ? 5 DG  A "O4'"  1 
ATOM   154 C "C3'"  . DG  A 1 5 ? 6.657   -3.328 -4.004  0.80 0.00 ? 5 DG  A "C3'"  1 
ATOM   155 O "O3'"  . DG  A 1 5 ? 7.804   -2.467 -4.039  0.80 0.00 ? 5 DG  A "O3'"  1 
ATOM   156 C "C2'"  . DG  A 1 5 ? 5.979   -3.286 -2.646  0.80 0.00 ? 5 DG  A "C2'"  1 
ATOM   157 C "C1'"  . DG  A 1 5 ? 5.086   -2.070 -2.778  0.80 0.00 ? 5 DG  A "C1'"  1 
ATOM   158 N N9     . DG  A 1 5 ? 3.909   -2.082 -1.917  0.80 0.00 ? 5 DG  A N9     1 
ATOM   159 C C8     . DG  A 1 5 ? 2.989   -3.092 -1.783  0.80 0.00 ? 5 DG  A C8     1 
ATOM   160 N N7     . DG  A 1 5 ? 2.039   -2.815 -0.932  0.80 0.00 ? 5 DG  A N7     1 
ATOM   161 C C5     . DG  A 1 5 ? 2.351   -1.543 -0.475  0.80 0.00 ? 5 DG  A C5     1 
ATOM   162 C C6     . DG  A 1 5 ? 1.684   -0.715 0.465   0.80 0.00 ? 5 DG  A C6     1 
ATOM   163 O O6     . DG  A 1 5 ? 0.651   -0.948 1.102   0.80 0.00 ? 5 DG  A O6     1 
ATOM   164 N N1     . DG  A 1 5 ? 2.343   0.499  0.634   0.80 0.00 ? 5 DG  A N1     1 
ATOM   165 C C2     . DG  A 1 5 ? 3.493   0.868  -0.016  0.80 0.00 ? 5 DG  A C2     1 
ATOM   166 N N2     . DG  A 1 5 ? 3.978   2.078  0.282   0.80 0.00 ? 5 DG  A N2     1 
ATOM   167 N N3     . DG  A 1 5 ? 4.124   0.109  -0.892  0.80 0.00 ? 5 DG  A N3     1 
ATOM   168 C C4     . DG  A 1 5 ? 3.501   -1.075 -1.073  0.80 0.00 ? 5 DG  A C4     1 
ATOM   169 H "H5'"  . DG  A 1 5 ? 3.812   -3.487 -5.928  0.80 0.00 ? 5 DG  A "H5'"  1 
ATOM   170 H "H5''" . DG  A 1 5 ? 5.328   -4.034 -6.673  0.80 0.00 ? 5 DG  A "H5''" 1 
ATOM   171 H "H4'"  . DG  A 1 5 ? 6.091   -2.166 -5.682  0.80 0.00 ? 5 DG  A "H4'"  1 
ATOM   172 H "H3'"  . DG  A 1 5 ? 6.958   -4.339 -4.277  0.80 0.00 ? 5 DG  A "H3'"  1 
ATOM   173 H "H2'"  . DG  A 1 5 ? 5.412   -4.197 -2.457  0.80 0.00 ? 5 DG  A "H2'"  1 
ATOM   174 H "H2''" . DG  A 1 5 ? 6.705   -3.178 -1.842  0.80 0.00 ? 5 DG  A "H2''" 1 
ATOM   175 H "H1'"  . DG  A 1 5 ? 5.645   -1.150 -2.598  0.80 0.00 ? 5 DG  A "H1'"  1 
ATOM   176 H H8     . DG  A 1 5 ? 3.046   -4.023 -2.329  0.80 0.00 ? 5 DG  A H8     1 
ATOM   177 H H1     . DG  A 1 5 ? 1.936   1.155  1.287   0.80 0.00 ? 5 DG  A H1     1 
ATOM   178 H H21    . DG  A 1 5 ? 3.500   2.671  0.948   0.80 0.00 ? 5 DG  A H21    1 
ATOM   179 H H22    . DG  A 1 5 ? 4.823   2.401  -0.166  0.80 0.00 ? 5 DG  A H22    1 
ATOM   180 P P      . DC  A 1 6 ? 9.039   -2.732 -3.042  0.80 0.00 ? 6 DC  A P      1 
ATOM   181 O OP1    . DC  A 1 6 ? 10.282  -2.585 -3.842  0.80 0.00 ? 6 DC  A OP1    1 
ATOM   182 O OP2    . DC  A 1 6 ? 8.798   -3.989 -2.289  0.80 0.00 ? 6 DC  A OP2    1 
ATOM   183 O "O5'"  . DC  A 1 6 ? 8.971   -1.512 -2.018  0.80 0.00 ? 6 DC  A "O5'"  1 
ATOM   184 C "C5'"  . DC  A 1 6 ? 9.139   -0.166 -2.467  0.80 0.00 ? 6 DC  A "C5'"  1 
ATOM   185 C "C4'"  . DC  A 1 6 ? 9.179   0.782  -1.290  0.80 0.00 ? 6 DC  A "C4'"  1 
ATOM   186 O "O4'"  . DC  A 1 6 ? 7.903   0.731  -0.606  0.80 0.00 ? 6 DC  A "O4'"  1 
ATOM   187 C "C3'"  . DC  A 1 6 ? 10.236  0.464  -0.231  0.80 0.00 ? 6 DC  A "C3'"  1 
ATOM   188 O "O3'"  . DC  A 1 6 ? 10.769  1.678  0.312   0.80 0.00 ? 6 DC  A "O3'"  1 
ATOM   189 C "C2'"  . DC  A 1 6 ? 9.461   -0.308 0.821   0.80 0.00 ? 6 DC  A "C2'"  1 
ATOM   190 C "C1'"  . DC  A 1 6 ? 8.075   0.308  0.738   0.80 0.00 ? 6 DC  A "C1'"  1 
ATOM   191 N N1     . DC  A 1 6 ? 6.978   -0.617 1.062   0.80 0.00 ? 6 DC  A N1     1 
ATOM   192 C C2     . DC  A 1 6 ? 6.024   -0.231 2.008   0.80 0.00 ? 6 DC  A C2     1 
ATOM   193 O O2     . DC  A 1 6 ? 6.132   0.878  2.551   0.80 0.00 ? 6 DC  A O2     1 
ATOM   194 N N3     . DC  A 1 6 ? 5.011   -1.075 2.307   0.80 0.00 ? 6 DC  A N3     1 
ATOM   195 C C4     . DC  A 1 6 ? 4.931   -2.261 1.701   0.80 0.00 ? 6 DC  A C4     1 
ATOM   196 N N4     . DC  A 1 6 ? 3.913   -3.059 2.025   0.80 0.00 ? 6 DC  A N4     1 
ATOM   197 C C5     . DC  A 1 6 ? 5.889   -2.681 0.735   0.80 0.00 ? 6 DC  A C5     1 
ATOM   198 C C6     . DC  A 1 6 ? 6.886   -1.835 0.449   0.80 0.00 ? 6 DC  A C6     1 
ATOM   199 H "H5'"  . DC  A 1 6 ? 8.308   0.109  -3.116  0.80 0.00 ? 6 DC  A "H5'"  1 
ATOM   200 H "H5''" . DC  A 1 6 ? 10.071  -0.079 -3.025  0.80 0.00 ? 6 DC  A "H5''" 1 
ATOM   201 H "H4'"  . DC  A 1 6 ? 9.417   1.774  -1.677  0.80 0.00 ? 6 DC  A "H4'"  1 
ATOM   202 H "H3'"  . DC  A 1 6 ? 11.048  -0.127 -0.653  0.80 0.00 ? 6 DC  A "H3'"  1 
ATOM   203 H "H2'"  . DC  A 1 6 ? 9.453   -1.376 0.604   0.80 0.00 ? 6 DC  A "H2'"  1 
ATOM   204 H "H2''" . DC  A 1 6 ? 9.898   -0.179 1.811   0.80 0.00 ? 6 DC  A "H2''" 1 
ATOM   205 H "H1'"  . DC  A 1 6 ? 7.995   1.185  1.382   0.80 0.00 ? 6 DC  A "H1'"  1 
ATOM   206 H H41    . DC  A 1 6 ? 3.233   -2.754 2.708   0.80 0.00 ? 6 DC  A H41    1 
ATOM   207 H H42    . DC  A 1 6 ? 3.817   -3.964 1.588   0.80 0.00 ? 6 DC  A H42    1 
ATOM   208 H H5     . DC  A 1 6 ? 5.814   -3.654 0.249   0.80 0.00 ? 6 DC  A H5     1 
ATOM   209 H H6     . DC  A 1 6 ? 7.639   -2.125 -0.285  0.80 0.00 ? 6 DC  A H6     1 
ATOM   210 P P      . DA  A 1 7 ? 11.922  1.617  1.431   0.80 0.00 ? 7 DA  A P      1 
ATOM   211 O OP1    . DA  A 1 7 ? 12.758  2.833  1.272   0.80 0.00 ? 7 DA  A OP1    1 
ATOM   212 O OP2    . DA  A 1 7 ? 12.562  0.277  1.383   0.80 0.00 ? 7 DA  A OP2    1 
ATOM   213 O "O5'"  . DA  A 1 7 ? 11.128  1.741  2.807   0.80 0.00 ? 7 DA  A "O5'"  1 
ATOM   214 C "C5'"  . DA  A 1 7 ? 10.202  2.806  3.029   0.80 0.00 ? 7 DA  A "C5'"  1 
ATOM   215 C "C4'"  . DA  A 1 7 ? 10.001  3.025  4.511   0.80 0.00 ? 7 DA  A "C4'"  1 
ATOM   216 O "O4'"  . DA  A 1 7 ? 8.595   2.865  4.816   0.80 0.00 ? 7 DA  A "O4'"  1 
ATOM   217 C "C3'"  . DA  A 1 7 ? 10.733  2.042  5.422   0.80 0.00 ? 7 DA  A "C3'"  1 
ATOM   218 O "O3'"  . DA  A 1 7 ? 12.001  2.566  5.824   0.80 0.00 ? 7 DA  A "O3'"  1 
ATOM   219 C "C2'"  . DA  A 1 7 ? 9.805   1.929  6.616   0.80 0.00 ? 7 DA  A "C2'"  1 
ATOM   220 C "C1'"  . DA  A 1 7 ? 8.430   2.072  5.984   0.80 0.00 ? 7 DA  A "C1'"  1 
ATOM   221 N N9     . DA  A 1 7 ? 7.814   0.808  5.583   0.80 0.00 ? 7 DA  A N9     1 
ATOM   222 C C8     . DA  A 1 7 ? 8.214   -0.055 4.591   0.80 0.00 ? 7 DA  A C8     1 
ATOM   223 N N7     . DA  A 1 7 ? 7.451   -1.115 4.474   0.80 0.00 ? 7 DA  A N7     1 
ATOM   224 C C5     . DA  A 1 7 ? 6.482   -0.938 5.452   0.80 0.00 ? 7 DA  A C5     1 
ATOM   225 C C6     . DA  A 1 7 ? 5.377   -1.714 5.841   0.80 0.00 ? 7 DA  A C6     1 
ATOM   226 N N6     . DA  A 1 7 ? 5.046   -2.874 5.268   0.80 0.00 ? 7 DA  A N6     1 
ATOM   227 N N1     . DA  A 1 7 ? 4.611   -1.253 6.853   0.80 0.00 ? 7 DA  A N1     1 
ATOM   228 C C2     . DA  A 1 7 ? 4.941   -0.089 7.429   0.80 0.00 ? 7 DA  A C2     1 
ATOM   229 N N3     . DA  A 1 7 ? 5.953   0.729  7.152   0.80 0.00 ? 7 DA  A N3     1 
ATOM   230 C C4     . DA  A 1 7 ? 6.694   0.241  6.143   0.80 0.00 ? 7 DA  A C4     1 
ATOM   231 H "H5'"  . DA  A 1 7 ? 9.244   2.558  2.572   0.80 0.00 ? 7 DA  A "H5'"  1 
ATOM   232 H "H5''" . DA  A 1 7 ? 10.584  3.723  2.581   0.80 0.00 ? 7 DA  A "H5''" 1 
ATOM   233 H "H4'"  . DA  A 1 7 ? 10.381  4.020  4.751   0.80 0.00 ? 7 DA  A "H4'"  1 
ATOM   234 H "H3'"  . DA  A 1 7 ? 10.881  1.082  4.928   0.80 0.00 ? 7 DA  A "H3'"  1 
ATOM   235 H "HO3'" . DA  A 1 7 ? 12.448  2.869  5.029   0.80 0.00 ? 7 DA  A "HO3'" 1 
ATOM   236 H "H2'"  . DA  A 1 7 ? 9.929   0.973  7.125   0.80 0.00 ? 7 DA  A "H2'"  1 
ATOM   237 H "H2''" . DA  A 1 7 ? 9.999   2.715  7.345   0.80 0.00 ? 7 DA  A "H2''" 1 
ATOM   238 H "H1'"  . DA  A 1 7 ? 7.745   2.596  6.652   0.80 0.00 ? 7 DA  A "H1'"  1 
ATOM   239 H H8     . DA  A 1 7 ? 9.075   0.124  3.964   0.80 0.00 ? 7 DA  A H8     1 
ATOM   240 H H61    . DA  A 1 7 ? 4.237   -3.384 5.595   0.80 0.00 ? 7 DA  A H61    1 
ATOM   241 H H62    . DA  A 1 7 ? 5.604   -3.238 4.509   0.80 0.00 ? 7 DA  A H62    1 
ATOM   242 H H2     . DA  A 1 7 ? 4.286   0.233  8.238   0.80 0.00 ? 7 DA  A H2     1 
HETATM 243 C C1     . TMS B 1 1 ? 4.175   -3.394 9.978   0.80 0.00 ? 1 TMS B C1     1 
HETATM 244 O O20    . TMS B 1 1 ? 6.150   2.114  11.921  0.80 0.00 ? 1 TMS B O20    1 
HETATM 245 C C20    . TMS B 1 1 ? 5.042   2.375  12.771  0.80 0.00 ? 1 TMS B C20    1 
HETATM 246 O O21    . TMS B 1 1 ? 8.283   1.707  10.344  0.80 0.00 ? 1 TMS B O21    1 
HETATM 247 C C21    . TMS B 1 1 ? 8.007   2.790  9.500   0.80 0.00 ? 1 TMS B C21    1 
HETATM 248 O O22    . TMS B 1 1 ? 8.514   -0.536 8.894   0.80 0.00 ? 1 TMS B O22    1 
HETATM 249 C C22    . TMS B 1 1 ? 8.703   -1.700 8.102   0.80 0.00 ? 1 TMS B C22    1 
HETATM 250 C C2     . TMS B 1 1 ? 4.172   -2.224 10.629  0.80 0.00 ? 1 TMS B C2     1 
HETATM 251 C C3     . TMS B 1 1 ? 3.087   -4.395 10.075  0.80 0.00 ? 1 TMS B C3     1 
HETATM 252 C C4     . TMS B 1 1 ? 5.253   -1.214 10.540  0.80 0.00 ? 1 TMS B C4     1 
HETATM 253 C C5     . TMS B 1 1 ? 3.163   -5.584 9.325   0.80 0.00 ? 1 TMS B C5     1 
HETATM 254 C C6     . TMS B 1 1 ? 1.965   -4.195 10.902  0.80 0.00 ? 1 TMS B C6     1 
HETATM 255 C C7     . TMS B 1 1 ? 5.156   -0.029 11.293  0.80 0.00 ? 1 TMS B C7     1 
HETATM 256 C C8     . TMS B 1 1 ? 6.383   -1.405 9.719   0.80 0.00 ? 1 TMS B C8     1 
HETATM 257 C C9     . TMS B 1 1 ? 2.144   -6.552 9.397   0.80 0.00 ? 1 TMS B C9     1 
HETATM 258 C C10    . TMS B 1 1 ? 0.947   -5.162 10.975  0.80 0.00 ? 1 TMS B C10    1 
HETATM 259 C C11    . TMS B 1 1 ? 6.163   0.949  11.232  0.80 0.00 ? 1 TMS B C11    1 
HETATM 260 C C12    . TMS B 1 1 ? 7.398   -0.431 9.651   0.80 0.00 ? 1 TMS B C12    1 
HETATM 261 C C13    . TMS B 1 1 ? 1.018   -6.352 10.227  0.80 0.00 ? 1 TMS B C13    1 
HETATM 262 C C14    . TMS B 1 1 ? 7.288   0.750  10.410  0.80 0.00 ? 1 TMS B C14    1 
HETATM 263 C C15    . TMS B 1 1 ? -0.078  -7.352 10.327  0.80 0.00 ? 1 TMS B C15    1 
HETATM 264 N N1     . TMS B 1 1 ? -1.118  -7.080 11.128  0.80 0.00 ? 1 TMS B N1     1 
HETATM 265 C C16    . TMS B 1 1 ? -2.236  -7.990 11.294  0.80 0.00 ? 1 TMS B C16    1 
HETATM 266 O O1     . TMS B 1 1 ? -0.016  -8.400 9.684   0.80 0.00 ? 1 TMS B O1     1 
HETATM 267 C C17    . TMS B 1 1 ? -2.953  -7.845 12.578  0.80 0.00 ? 1 TMS B C17    1 
HETATM 268 C C18    . TMS B 1 1 ? -3.947  -6.768 12.397  0.80 0.00 ? 1 TMS B C18    1 
HETATM 269 O O2     . TMS B 1 1 ? -3.580  -5.908 13.475  0.80 0.00 ? 1 TMS B O2     1 
HETATM 270 H HE2    . TMS B 1 1 ? 5.036   -3.625 9.334   0.80 0.00 ? 1 TMS B HE2    1 
HETATM 271 H HGA    . TMS B 1 1 ? 4.790   3.424  12.720  0.80 0.00 ? 1 TMS B HGA    1 
HETATM 272 H HGB    . TMS B 1 1 ? 4.196   1.785  12.450  0.80 0.00 ? 1 TMS B HGB    1 
HETATM 273 H HGC    . TMS B 1 1 ? 5.298   2.119  13.788  0.80 0.00 ? 1 TMS B HGC    1 
HETATM 274 H H1A    . TMS B 1 1 ? 7.452   2.443  8.640   0.80 0.00 ? 1 TMS B H1A    1 
HETATM 275 H H1B    . TMS B 1 1 ? 8.933   3.237  9.173   0.80 0.00 ? 1 TMS B H1B    1 
HETATM 276 H H1C    . TMS B 1 1 ? 7.418   3.522  10.032  0.80 0.00 ? 1 TMS B H1C    1 
HETATM 277 H HFA    . TMS B 1 1 ? 8.543   -1.457 7.061   0.80 0.00 ? 1 TMS B HFA    1 
HETATM 278 H HFB    . TMS B 1 1 ? 9.710   -2.068 8.235   0.80 0.00 ? 1 TMS B HFB    1 
HETATM 279 H HFC    . TMS B 1 1 ? 7.998   -2.460 8.405   0.80 0.00 ? 1 TMS B HFC    1 
HETATM 280 H HE3    . TMS B 1 1 ? 3.308   -1.995 11.273  0.80 0.00 ? 1 TMS B HE3    1 
HETATM 281 H HC4    . TMS B 1 1 ? 4.032   -5.758 8.673   0.80 0.00 ? 1 TMS B HC4    1 
HETATM 282 H HC5    . TMS B 1 1 ? 1.884   -3.273 11.498  0.80 0.00 ? 1 TMS B HC5    1 
HETATM 283 H HB6    . TMS B 1 1 ? 4.278   0.133  11.937  0.80 0.00 ? 1 TMS B HB6    1 
HETATM 284 H HB7    . TMS B 1 1 ? 6.473   -2.327 9.124   0.80 0.00 ? 1 TMS B HB7    1 
HETATM 285 H HD8    . TMS B 1 1 ? 2.224   -7.473 8.802   0.80 0.00 ? 1 TMS B HD8    1 
HETATM 286 H HD9    . TMS B 1 1 ? 0.079   -4.983 11.628  0.80 0.00 ? 1 TMS B HD9    1 
HETATM 287 H H1     . TMS B 1 1 ? -1.139  -6.214 11.642  0.80 0.00 ? 1 TMS B H1     1 
HETATM 288 H HJB    . TMS B 1 1 ? -2.967  -7.774 10.477  0.80 0.00 ? 1 TMS B HJB    1 
HETATM 289 H HJA    . TMS B 1 1 ? -1.864  -9.037 11.205  0.80 0.00 ? 1 TMS B HJA    1 
HETATM 290 H HKA    . TMS B 1 1 ? -3.480  -8.805 12.827  0.80 0.00 ? 1 TMS B HKA    1 
HETATM 291 H HKB    . TMS B 1 1 ? -2.227  -7.553 13.383  0.80 0.00 ? 1 TMS B HKB    1 
HETATM 292 H HLB    . TMS B 1 1 ? -3.785  -6.248 11.414  0.80 0.00 ? 1 TMS B HLB    1 
HETATM 293 H HLA    . TMS B 1 1 ? -4.996  -7.132 12.474  0.80 0.00 ? 1 TMS B HLA    1 
ATOM   294 P P      . DT  B 1 2 ? -4.065  -4.504 13.495  0.80 0.00 ? 2 DT  B P      1 
ATOM   295 O OP1    . DT  B 1 2 ? -3.382  -3.801 14.611  0.80 0.00 ? 2 DT  B OP1    1 
ATOM   296 O OP2    . DT  B 1 2 ? -5.549  -4.526 13.442  0.80 0.00 ? 2 DT  B OP2    1 
ATOM   297 O "O5'"  . DT  B 1 2 ? -3.529  -3.889 12.126  0.80 0.00 ? 2 DT  B "O5'"  1 
ATOM   298 C "C5'"  . DT  B 1 2 ? -2.134  -3.892 11.810  0.80 0.00 ? 2 DT  B "C5'"  1 
ATOM   299 C "C4'"  . DT  B 1 2 ? -1.565  -2.499 11.945  0.80 0.00 ? 2 DT  B "C4'"  1 
ATOM   300 O "O4'"  . DT  B 1 2 ? -0.241  -2.480 11.358  0.80 0.00 ? 2 DT  B "O4'"  1 
ATOM   301 C "C3'"  . DT  B 1 2 ? -2.349  -1.405 11.221  0.80 0.00 ? 2 DT  B "C3'"  1 
ATOM   302 O "O3'"  . DT  B 1 2 ? -2.236  -0.164 11.929  0.80 0.00 ? 2 DT  B "O3'"  1 
ATOM   303 C "C2'"  . DT  B 1 2 ? -1.660  -1.326 9.872   0.80 0.00 ? 2 DT  B "C2'"  1 
ATOM   304 C "C1'"  . DT  B 1 2 ? -0.212  -1.619 10.228  0.80 0.00 ? 2 DT  B "C1'"  1 
ATOM   305 N N1     . DT  B 1 2 ? 0.554   -2.296 9.162   0.80 0.00 ? 2 DT  B N1     1 
ATOM   306 C C2     . DT  B 1 2 ? 1.724   -1.712 8.732   0.80 0.00 ? 2 DT  B C2     1 
ATOM   307 O O2     . DT  B 1 2 ? 2.155   -0.667 9.189   0.80 0.00 ? 2 DT  B O2     1 
ATOM   308 N N3     . DT  B 1 2 ? 2.375   -2.400 7.745   0.80 0.00 ? 2 DT  B N3     1 
ATOM   309 C C4     . DT  B 1 2 ? 1.986   -3.584 7.157   0.80 0.00 ? 2 DT  B C4     1 
ATOM   310 O O4     . DT  B 1 2 ? 2.685   -4.088 6.282   0.80 0.00 ? 2 DT  B O4     1 
ATOM   311 C C5     . DT  B 1 2 ? 0.748   -4.141 7.653   0.80 0.00 ? 2 DT  B C5     1 
ATOM   312 C C7     . DT  B 1 2 ? 0.245   -5.424 7.067   0.80 0.00 ? 2 DT  B C7     1 
ATOM   313 C C6     . DT  B 1 2 ? 0.098   -3.480 8.621   0.80 0.00 ? 2 DT  B C6     1 
ATOM   314 H "H5'"  . DT  B 1 2 ? -1.992  -4.239 10.788  0.80 0.00 ? 2 DT  B "H5'"  1 
ATOM   315 H "H5''" . DT  B 1 2 ? -1.605  -4.560 12.490  0.80 0.00 ? 2 DT  B "H5''" 1 
ATOM   316 H "H4'"  . DT  B 1 2 ? -1.568  -2.241 13.005  0.80 0.00 ? 2 DT  B "H4'"  1 
ATOM   317 H "H3'"  . DT  B 1 2 ? -3.402  -1.672 11.128  0.80 0.00 ? 2 DT  B "H3'"  1 
ATOM   318 H "H2'"  . DT  B 1 2 ? -2.071  -2.054 9.174   0.80 0.00 ? 2 DT  B "H2'"  1 
ATOM   319 H "H2''" . DT  B 1 2 ? -1.778  -0.339 9.424   0.80 0.00 ? 2 DT  B "H2''" 1 
ATOM   320 H "H1'"  . DT  B 1 2 ? 0.315   -0.706 10.511  0.80 0.00 ? 2 DT  B "H1'"  1 
ATOM   321 H H3     . DT  B 1 2 ? 3.236   -1.991 7.407   0.80 0.00 ? 2 DT  B H3     1 
ATOM   322 H H71    . DT  B 1 2 ? -0.262  -5.219 6.124   0.80 0.00 ? 2 DT  B H71    1 
ATOM   323 H H72    . DT  B 1 2 ? 1.084   -6.096 6.890   0.80 0.00 ? 2 DT  B H72    1 
ATOM   324 H H73    . DT  B 1 2 ? -0.454  -5.892 7.760   0.80 0.00 ? 2 DT  B H73    1 
ATOM   325 H H6     . DT  B 1 2 ? -0.835  -3.898 8.998   0.80 0.00 ? 2 DT  B H6     1 
ATOM   326 P P      . DG  B 1 3 ? -2.949  1.156  11.348  0.80 0.00 ? 3 DG  B P      1 
ATOM   327 O OP1    . DG  B 1 3 ? -3.174  2.075  12.494  0.80 0.00 ? 3 DG  B OP1    1 
ATOM   328 O OP2    . DG  B 1 3 ? -4.099  0.742  10.505  0.80 0.00 ? 3 DG  B OP2    1 
ATOM   329 O "O5'"  . DG  B 1 3 ? -1.845  1.806  10.400  0.80 0.00 ? 3 DG  B "O5'"  1 
ATOM   330 C "C5'"  . DG  B 1 3 ? -0.637  2.348  10.939  0.80 0.00 ? 3 DG  B "C5'"  1 
ATOM   331 C "C4'"  . DG  B 1 3 ? 0.059   3.208  9.911   0.80 0.00 ? 3 DG  B "C4'"  1 
ATOM   332 O "O4'"  . DG  B 1 3 ? 0.870   2.357  9.063   0.80 0.00 ? 3 DG  B "O4'"  1 
ATOM   333 C "C3'"  . DG  B 1 3 ? -0.870  3.984  8.969   0.80 0.00 ? 3 DG  B "C3'"  1 
ATOM   334 O "O3'"  . DG  B 1 3 ? -0.372  5.316  8.777   0.80 0.00 ? 3 DG  B "O3'"  1 
ATOM   335 C "C2'"  . DG  B 1 3 ? -0.810  3.188  7.677   0.80 0.00 ? 3 DG  B "C2'"  1 
ATOM   336 C "C1'"  . DG  B 1 3 ? 0.603   2.648  7.705   0.80 0.00 ? 3 DG  B "C1'"  1 
ATOM   337 N N9     . DG  B 1 3 ? 0.807   1.428  6.931   0.80 0.00 ? 3 DG  B N9     1 
ATOM   338 C C8     . DG  B 1 3 ? 0.017   0.304  6.930   0.80 0.00 ? 3 DG  B C8     1 
ATOM   339 N N7     . DG  B 1 3 ? 0.449   -0.629 6.127   0.80 0.00 ? 3 DG  B N7     1 
ATOM   340 C C5     . DG  B 1 3 ? 1.597   -0.088 5.562   0.80 0.00 ? 3 DG  B C5     1 
ATOM   341 C C6     . DG  B 1 3 ? 2.499   -0.633 4.612   0.80 0.00 ? 3 DG  B C6     1 
ATOM   342 O O6     . DG  B 1 3 ? 2.464   -1.740 4.064   0.80 0.00 ? 3 DG  B O6     1 
ATOM   343 N N1     . DG  B 1 3 ? 3.526   0.255  4.314   0.80 0.00 ? 3 DG  B N1     1 
ATOM   344 C C2     . DG  B 1 3 ? 3.670   1.507  4.861   0.80 0.00 ? 3 DG  B C2     1 
ATOM   345 N N2     . DG  B 1 3 ? 4.728   2.212  4.449   0.80 0.00 ? 3 DG  B N2     1 
ATOM   346 N N3     . DG  B 1 3 ? 2.839   2.026  5.747   0.80 0.00 ? 3 DG  B N3     1 
ATOM   347 C C4     . DG  B 1 3 ? 1.832   1.181  6.049   0.80 0.00 ? 3 DG  B C4     1 
ATOM   348 H "H5'"  . DG  B 1 3 ? 0.028   1.536  11.233  0.80 0.00 ? 3 DG  B "H5'"  1 
ATOM   349 H "H5''" . DG  B 1 3 ? -0.867  2.956  11.815  0.80 0.00 ? 3 DG  B "H5''" 1 
ATOM   350 H "H4'"  . DG  B 1 3 ? 0.644   3.954  10.451  0.80 0.00 ? 3 DG  B "H4'"  1 
ATOM   351 H "H3'"  . DG  B 1 3 ? -1.882  4.034  9.370   0.80 0.00 ? 3 DG  B "H3'"  1 
ATOM   352 H "H2'"  . DG  B 1 3 ? -1.556  2.393  7.666   0.80 0.00 ? 3 DG  B "H2'"  1 
ATOM   353 H "H2''" . DG  B 1 3 ? -0.992  3.820  6.810   0.80 0.00 ? 3 DG  B "H2''" 1 
ATOM   354 H "H1'"  . DG  B 1 3 ? 1.319   3.401  7.371   0.80 0.00 ? 3 DG  B "H1'"  1 
ATOM   355 H H8     . DG  B 1 3 ? -0.873  0.203  7.533   0.80 0.00 ? 3 DG  B H8     1 
ATOM   356 H H1     . DG  B 1 3 ? 4.216   -0.050 3.642   0.80 0.00 ? 3 DG  B H1     1 
ATOM   357 H H21    . DG  B 1 3 ? 5.366   1.823  3.768   0.80 0.00 ? 3 DG  B H21    1 
ATOM   358 H H22    . DG  B 1 3 ? 4.885   3.140  4.819   0.80 0.00 ? 3 DG  B H22    1 
ATOM   359 P P      . DC  B 1 4 ? -1.074  6.293  7.708   0.80 0.00 ? 4 DC  B P      1 
ATOM   360 O OP1    . DC  B 1 4 ? -1.158  7.646  8.312   0.80 0.00 ? 4 DC  B OP1    1 
ATOM   361 O OP2    . DC  B 1 4 ? -2.312  5.633  7.218   0.80 0.00 ? 4 DC  B OP2    1 
ATOM   362 O "O5'"  . DC  B 1 4 ? -0.035  6.351  6.501   0.80 0.00 ? 4 DC  B "O5'"  1 
ATOM   363 C "C5'"  . DC  B 1 4 ? 1.222   7.017  6.645   0.80 0.00 ? 4 DC  B "C5'"  1 
ATOM   364 C "C4'"  . DC  B 1 4 ? 1.950   7.057  5.322   0.80 0.00 ? 4 DC  B "C4'"  1 
ATOM   365 O "O4'"  . DC  B 1 4 ? 2.142   5.699  4.853   0.80 0.00 ? 4 DC  B "O4'"  1 
ATOM   366 C "C3'"  . DC  B 1 4 ? 1.220   7.789  4.194   0.80 0.00 ? 4 DC  B "C3'"  1 
ATOM   367 O "O3'"  . DC  B 1 4 ? 2.163   8.484  3.368   0.80 0.00 ? 4 DC  B "O3'"  1 
ATOM   368 C "C2'"  . DC  B 1 4 ? 0.548   6.664  3.427   0.80 0.00 ? 4 DC  B "C2'"  1 
ATOM   369 C "C1'"  . DC  B 1 4 ? 1.546   5.533  3.578   0.80 0.00 ? 4 DC  B "C1'"  1 
ATOM   370 N N1     . DC  B 1 4 ? 0.958   4.184  3.525   0.80 0.00 ? 4 DC  B N1     1 
ATOM   371 C C2     . DC  B 1 4 ? 1.521   3.236  2.667   0.80 0.00 ? 4 DC  B C2     1 
ATOM   372 O O2     . DC  B 1 4 ? 2.499   3.558  1.976   0.80 0.00 ? 4 DC  B O2     1 
ATOM   373 N N3     . DC  B 1 4 ? 0.987   1.996  2.610   0.80 0.00 ? 4 DC  B N3     1 
ATOM   374 C C4     . DC  B 1 4 ? -0.065  1.688  3.370   0.80 0.00 ? 4 DC  B C4     1 
ATOM   375 N N4     . DC  B 1 4 ? -0.556  0.451  3.283   0.80 0.00 ? 4 DC  B N4     1 
ATOM   376 C C5     . DC  B 1 4 ? -0.659  2.634  4.256   0.80 0.00 ? 4 DC  B C5     1 
ATOM   377 C C6     . DC  B 1 4 ? -0.119  3.858  4.301   0.80 0.00 ? 4 DC  B C6     1 
ATOM   378 H "H5'"  . DC  B 1 4 ? 1.835   6.488  7.373   0.80 0.00 ? 4 DC  B "H5'"  1 
ATOM   379 H "H5''" . DC  B 1 4 ? 1.058   8.038  6.992   0.80 0.00 ? 4 DC  B "H5''" 1 
ATOM   380 H "H4'"  . DC  B 1 4 ? 2.890   7.590  5.481   0.80 0.00 ? 4 DC  B "H4'"  1 
ATOM   381 H "H3'"  . DC  B 1 4 ? 0.497   8.501  4.591   0.80 0.00 ? 4 DC  B "H3'"  1 
ATOM   382 H "H2'"  . DC  B 1 4 ? -0.424  6.419  3.855   0.80 0.00 ? 4 DC  B "H2'"  1 
ATOM   383 H "H2''" . DC  B 1 4 ? 0.388   6.935  2.384   0.80 0.00 ? 4 DC  B "H2''" 1 
ATOM   384 H "H1'"  . DC  B 1 4 ? 2.334   5.600  2.825   0.80 0.00 ? 4 DC  B "H1'"  1 
ATOM   385 H H41    . DC  B 1 4 ? -0.131  -0.214 2.653   0.80 0.00 ? 4 DC  B H41    1 
ATOM   386 H H42    . DC  B 1 4 ? -1.350  0.178  3.844   0.80 0.00 ? 4 DC  B H42    1 
ATOM   387 H H5     . DC  B 1 4 ? -1.519  2.371  4.870   0.80 0.00 ? 4 DC  B H5     1 
ATOM   388 H H6     . DC  B 1 4 ? -0.548  4.606  4.967   0.80 0.00 ? 4 DC  B H6     1 
ATOM   389 P P      . DG  B 1 5 ? 1.663   9.241  2.038   0.80 0.00 ? 5 DG  B P      1 
ATOM   390 O OP1    . DG  B 1 5 ? 2.487   10.468 1.896   0.80 0.00 ? 5 DG  B OP1    1 
ATOM   391 O OP2    . DG  B 1 5 ? 0.183   9.353  2.076   0.80 0.00 ? 5 DG  B OP2    1 
ATOM   392 O "O5'"  . DG  B 1 5 ? 2.057   8.245  0.857   0.80 0.00 ? 5 DG  B "O5'"  1 
ATOM   393 C "C5'"  . DG  B 1 5 ? 3.365   7.672  0.784   0.80 0.00 ? 5 DG  B "C5'"  1 
ATOM   394 C "C4'"  . DG  B 1 5 ? 3.605   7.077  -0.586  0.80 0.00 ? 5 DG  B "C4'"  1 
ATOM   395 O "O4'"  . DG  B 1 5 ? 3.154   5.700  -0.583  0.80 0.00 ? 5 DG  B "O4'"  1 
ATOM   396 C "C3'"  . DG  B 1 5 ? 2.864   7.761  -1.738  0.80 0.00 ? 5 DG  B "C3'"  1 
ATOM   397 O "O3'"  . DG  B 1 5 ? 3.712   7.825  -2.893  0.80 0.00 ? 5 DG  B "O3'"  1 
ATOM   398 C "C2'"  . DG  B 1 5 ? 1.674   6.849  -1.980  0.80 0.00 ? 5 DG  B "C2'"  1 
ATOM   399 C "C1'"  . DG  B 1 5 ? 2.250   5.488  -1.652  0.80 0.00 ? 5 DG  B "C1'"  1 
ATOM   400 N N9     . DG  B 1 5 ? 1.267   4.497  -1.223  0.80 0.00 ? 5 DG  B N9     1 
ATOM   401 C C8     . DG  B 1 5 ? 0.320   4.641  -0.240  0.80 0.00 ? 5 DG  B C8     1 
ATOM   402 N N7     . DG  B 1 5 ? -0.423  3.580  -0.080  0.80 0.00 ? 5 DG  B N7     1 
ATOM   403 C C5     . DG  B 1 5 ? 0.065   2.679  -1.018  0.80 0.00 ? 5 DG  B C5     1 
ATOM   404 C C6     . DG  B 1 5 ? -0.343  1.354  -1.317  0.80 0.00 ? 5 DG  B C6     1 
ATOM   405 O O6     . DG  B 1 5 ? -1.246  0.688  -0.798  0.80 0.00 ? 5 DG  B O6     1 
ATOM   406 N N1     . DG  B 1 5 ? 0.423   0.801  -2.339  0.80 0.00 ? 5 DG  B N1     1 
ATOM   407 C C2     . DG  B 1 5 ? 1.447   1.442  -2.989  0.80 0.00 ? 5 DG  B C2     1 
ATOM   408 N N2     . DG  B 1 5 ? 2.067   0.745  -3.949  0.80 0.00 ? 5 DG  B N2     1 
ATOM   409 N N3     . DG  B 1 5 ? 1.838   2.675  -2.720  0.80 0.00 ? 5 DG  B N3     1 
ATOM   410 C C4     . DG  B 1 5 ? 1.108   3.230  -1.731  0.80 0.00 ? 5 DG  B C4     1 
ATOM   411 H "H5'"  . DG  B 1 5 ? 3.462   6.887  1.534   0.80 0.00 ? 5 DG  B "H5'"  1 
ATOM   412 H "H5''" . DG  B 1 5 ? 4.113   8.441  0.974   0.80 0.00 ? 5 DG  B "H5''" 1 
ATOM   413 H "H4'"  . DG  B 1 5 ? 4.670   7.176  -0.801  0.80 0.00 ? 5 DG  B "H4'"  1 
ATOM   414 H "H3'"  . DG  B 1 5 ? 2.555   8.770  -1.463  0.80 0.00 ? 5 DG  B "H3'"  1 
ATOM   415 H "H2'"  . DG  B 1 5 ? 0.836   7.110  -1.334  0.80 0.00 ? 5 DG  B "H2'"  1 
ATOM   416 H "H2''" . DG  B 1 5 ? 1.326   6.913  -3.009  0.80 0.00 ? 5 DG  B "H2''" 1 
ATOM   417 H "H1'"  . DG  B 1 5 ? 2.811   5.084  -2.496  0.80 0.00 ? 5 DG  B "H1'"  1 
ATOM   418 H H8     . DG  B 1 5 ? 0.202   5.542  0.343   0.80 0.00 ? 5 DG  B H8     1 
ATOM   419 H H1     . DG  B 1 5 ? 0.201   -0.145 -2.618  0.80 0.00 ? 5 DG  B H1     1 
ATOM   420 H H21    . DG  B 1 5 ? 1.779   -0.202 -4.158  0.80 0.00 ? 5 DG  B H21    1 
ATOM   421 H H22    . DG  B 1 5 ? 2.827   1.168  -4.460  0.80 0.00 ? 5 DG  B H22    1 
ATOM   422 P P      . DC  B 1 6 ? 3.139   8.399  -4.283  0.80 0.00 ? 6 DC  B P      1 
ATOM   423 O OP1    . DC  B 1 6 ? 4.156   9.318  -4.852  0.80 0.00 ? 6 DC  B OP1    1 
ATOM   424 O OP2    . DC  B 1 6 ? 1.757   8.891  -4.050  0.80 0.00 ? 6 DC  B OP2    1 
ATOM   425 O "O5'"  . DC  B 1 6 ? 3.056   7.112  -5.220  0.80 0.00 ? 6 DC  B "O5'"  1 
ATOM   426 C "C5'"  . DC  B 1 6 ? 4.236   6.390  -5.583  0.80 0.00 ? 6 DC  B "C5'"  1 
ATOM   427 C "C4'"  . DC  B 1 6 ? 3.905   5.312  -6.588  0.80 0.00 ? 6 DC  B "C4'"  1 
ATOM   428 O "O4'"  . DC  B 1 6 ? 3.009   4.356  -5.971  0.80 0.00 ? 6 DC  B "O4'"  1 
ATOM   429 C "C3'"  . DC  B 1 6 ? 3.199   5.793  -7.856  0.80 0.00 ? 6 DC  B "C3'"  1 
ATOM   430 O "O3'"  . DC  B 1 6 ? 3.645   5.035  -8.987  0.80 0.00 ? 6 DC  B "O3'"  1 
ATOM   431 C "C2'"  . DC  B 1 6 ? 1.733   5.526  -7.565  0.80 0.00 ? 6 DC  B "C2'"  1 
ATOM   432 C "C1'"  . DC  B 1 6 ? 1.784   4.290  -6.684  0.80 0.00 ? 6 DC  B "C1'"  1 
ATOM   433 N N1     . DC  B 1 6 ? 0.694   4.198  -5.700  0.80 0.00 ? 6 DC  B N1     1 
ATOM   434 C C2     . DC  B 1 6 ? -0.055  3.022  -5.627  0.80 0.00 ? 6 DC  B C2     1 
ATOM   435 O O2     . DC  B 1 6 ? 0.216   2.088  -6.396  0.80 0.00 ? 6 DC  B O2     1 
ATOM   436 N N3     . DC  B 1 6 ? -1.055  2.931  -4.721  0.80 0.00 ? 6 DC  B N3     1 
ATOM   437 C C4     . DC  B 1 6 ? -1.317  3.957  -3.911  0.80 0.00 ? 6 DC  B C4     1 
ATOM   438 N N4     . DC  B 1 6 ? -2.309  3.822  -3.032  0.80 0.00 ? 6 DC  B N4     1 
ATOM   439 C C5     . DC  B 1 6 ? -0.571  5.170  -3.965  0.80 0.00 ? 6 DC  B C5     1 
ATOM   440 C C6     . DC  B 1 6 ? 0.417   5.246  -4.867  0.80 0.00 ? 6 DC  B C6     1 
ATOM   441 H "H5'"  . DC  B 1 6 ? 4.669   5.930  -4.695  0.80 0.00 ? 6 DC  B "H5'"  1 
ATOM   442 H "H5''" . DC  B 1 6 ? 4.963   7.074  -6.021  0.80 0.00 ? 6 DC  B "H5''" 1 
ATOM   443 H "H4'"  . DC  B 1 6 ? 4.849   4.865  -6.909  0.80 0.00 ? 6 DC  B "H4'"  1 
ATOM   444 H "H3'"  . DC  B 1 6 ? 3.390   6.850  -8.034  0.80 0.00 ? 6 DC  B "H3'"  1 
ATOM   445 H "H2'"  . DC  B 1 6 ? 1.266   6.372  -7.063  0.80 0.00 ? 6 DC  B "H2'"  1 
ATOM   446 H "H2''" . DC  B 1 6 ? 1.174   5.340  -8.483  0.80 0.00 ? 6 DC  B "H2''" 1 
ATOM   447 H "H1'"  . DC  B 1 6 ? 1.791   3.379  -7.285  0.80 0.00 ? 6 DC  B "H1'"  1 
ATOM   448 H H41    . DC  B 1 6 ? -2.833  2.958  -2.995  0.80 0.00 ? 6 DC  B H41    1 
ATOM   449 H H42    . DC  B 1 6 ? -2.536  4.576  -2.401  0.80 0.00 ? 6 DC  B H42    1 
ATOM   450 H H5     . DC  B 1 6 ? -0.794  6.003  -3.299  0.80 0.00 ? 6 DC  B H5     1 
ATOM   451 H H6     . DC  B 1 6 ? 1.007   6.159  -4.936  0.80 0.00 ? 6 DC  B H6     1 
ATOM   452 P P      . DA  B 1 7 ? 3.068   5.367  -10.451 0.80 0.00 ? 7 DA  B P      1 
ATOM   453 O OP1    . DA  B 1 7 ? 4.134   5.036  -11.431 0.80 0.00 ? 7 DA  B OP1    1 
ATOM   454 O OP2    . DA  B 1 7 ? 2.485   6.733  -10.436 0.80 0.00 ? 7 DA  B OP2    1 
ATOM   455 O "O5'"  . DA  B 1 7 ? 1.882   4.322  -10.642 0.80 0.00 ? 7 DA  B "O5'"  1 
ATOM   456 C "C5'"  . DA  B 1 7 ? 2.092   2.924  -10.434 0.80 0.00 ? 7 DA  B "C5'"  1 
ATOM   457 C "C4'"  . DA  B 1 7 ? 1.041   2.120  -11.165 0.80 0.00 ? 7 DA  B "C4'"  1 
ATOM   458 O "O4'"  . DA  B 1 7 ? 0.335   1.300  -10.204 0.80 0.00 ? 7 DA  B "O4'"  1 
ATOM   459 C "C3'"  . DA  B 1 7 ? -0.035  2.942  -11.872 0.80 0.00 ? 7 DA  B "C3'"  1 
ATOM   460 O "O3'"  . DA  B 1 7 ? 0.312   3.167  -13.239 0.80 0.00 ? 7 DA  B "O3'"  1 
ATOM   461 C "C2'"  . DA  B 1 7 ? -1.260  2.054  -11.775 0.80 0.00 ? 7 DA  B "C2'"  1 
ATOM   462 C "C1'"  . DA  B 1 7 ? -1.067  1.363  -10.434 0.80 0.00 ? 7 DA  B "C1'"  1 
ATOM   463 N N9     . DA  B 1 7 ? -1.677  2.059  -9.301  0.80 0.00 ? 7 DA  B N9     1 
ATOM   464 C C8     . DA  B 1 7 ? -1.324  3.273  -8.761  0.80 0.00 ? 7 DA  B C8     1 
ATOM   465 N N7     . DA  B 1 7 ? -2.067  3.634  -7.743  0.80 0.00 ? 7 DA  B N7     1 
ATOM   466 C C5     . DA  B 1 7 ? -2.969  2.588  -7.602  0.80 0.00 ? 7 DA  B C5     1 
ATOM   467 C C6     . DA  B 1 7 ? -4.023  2.362  -6.700  0.80 0.00 ? 7 DA  B C6     1 
ATOM   468 N N6     . DA  B 1 7 ? -4.362  3.211  -5.729  0.80 0.00 ? 7 DA  B N6     1 
ATOM   469 N N1     . DA  B 1 7 ? -4.727  1.217  -6.832  0.80 0.00 ? 7 DA  B N1     1 
ATOM   470 C C2     . DA  B 1 7 ? -4.388  0.364  -7.807  0.80 0.00 ? 7 DA  B C2     1 
ATOM   471 N N3     . DA  B 1 7 ? -3.420  0.464  -8.714  0.80 0.00 ? 7 DA  B N3     1 
ATOM   472 C C4     . DA  B 1 7 ? -2.740  1.612  -8.556  0.80 0.00 ? 7 DA  B C4     1 
ATOM   473 H "H5'"  . DA  B 1 7 ? 2.035   2.699  -9.369  0.80 0.00 ? 7 DA  B "H5'"  1 
ATOM   474 H "H5''" . DA  B 1 7 ? 3.077   2.641  -10.805 0.80 0.00 ? 7 DA  B "H5''" 1 
ATOM   475 H "H4'"  . DA  B 1 7 ? 1.547   1.537  -11.935 0.80 0.00 ? 7 DA  B "H4'"  1 
ATOM   476 H "H3'"  . DA  B 1 7 ? -0.186  3.901  -11.376 0.80 0.00 ? 7 DA  B "H3'"  1 
ATOM   477 H "HO3'" . DA  B 1 7 ? 1.213   3.499  -13.253 0.80 0.00 ? 7 DA  B "HO3'" 1 
ATOM   478 H "H2'"  . DA  B 1 7 ? -2.178  2.640  -11.809 0.80 0.00 ? 7 DA  B "H2'"  1 
ATOM   479 H "H2''" . DA  B 1 7 ? -1.297  1.338  -12.597 0.80 0.00 ? 7 DA  B "H2''" 1 
ATOM   480 H "H1'"  . DA  B 1 7 ? -1.449  0.342  -10.461 0.80 0.00 ? 7 DA  B "H1'"  1 
ATOM   481 H H8     . DA  B 1 7 ? -0.507  3.873  -9.138  0.80 0.00 ? 7 DA  B H8     1 
ATOM   482 H H61    . DA  B 1 7 ? -5.131  2.989  -5.111  0.80 0.00 ? 7 DA  B H61    1 
ATOM   483 H H62    . DA  B 1 7 ? -3.848  4.073  -5.610  0.80 0.00 ? 7 DA  B H62    1 
ATOM   484 H H2     . DA  B 1 7 ? -4.991  -0.544 -7.864  0.80 0.00 ? 7 DA  B H2     1 
HETATM 485 C C1     . TMS A 1 1 ? -8.871  1.193  -7.381  0.20 0.00 ? 1 TMS A C1     2 
HETATM 486 O O20    . TMS A 1 1 ? -7.144  -0.070 -12.149 0.20 0.00 ? 1 TMS A O20    2 
HETATM 487 C C20    . TMS A 1 1 ? -8.112  -1.065 -11.848 0.20 0.00 ? 1 TMS A C20    2 
HETATM 488 O O21    . TMS A 1 1 ? -5.300  1.765  -12.807 0.20 0.00 ? 1 TMS A O21    2 
HETATM 489 C C21    . TMS A 1 1 ? -4.263  0.829  -12.892 0.20 0.00 ? 1 TMS A C21    2 
HETATM 490 O O22    . TMS A 1 1 ? -4.656  3.737  -11.107 0.20 0.00 ? 1 TMS A O22    2 
HETATM 491 C C22    . TMS A 1 1 ? -4.268  4.808  -10.258 0.20 0.00 ? 1 TMS A C22    2 
HETATM 492 C C2     . TMS A 1 1 ? -7.884  2.023  -7.739  0.20 0.00 ? 1 TMS A C2     2 
HETATM 493 C C3     . TMS A 1 1 ? -9.559  1.231  -6.070  0.20 0.00 ? 1 TMS A C3     2 
HETATM 494 C C4     . TMS A 1 1 ? -7.200  1.977  -9.052  0.20 0.00 ? 1 TMS A C4     2 
HETATM 495 C C5     . TMS A 1 1 ? -9.252  2.251  -5.150  0.20 0.00 ? 1 TMS A C5     2 
HETATM 496 C C6     . TMS A 1 1 ? -10.523 0.271  -5.706  0.20 0.00 ? 1 TMS A C6     2 
HETATM 497 C C7     . TMS A 1 1 ? -7.523  0.954  -9.962  0.20 0.00 ? 1 TMS A C7     2 
HETATM 498 C C8     . TMS A 1 1 ? -6.229  2.930  -9.420  0.20 0.00 ? 1 TMS A C8     2 
HETATM 499 C C9     . TMS A 1 1 ? -9.887  2.314  -3.897  0.20 0.00 ? 1 TMS A C9     2 
HETATM 500 C C10    . TMS A 1 1 ? -11.158 0.333  -4.455  0.20 0.00 ? 1 TMS A C10    2 
HETATM 501 C C11    . TMS A 1 1 ? -6.893  0.877  -11.216 0.20 0.00 ? 1 TMS A C11    2 
HETATM 502 C C12    . TMS A 1 1 ? -5.592  2.864  -10.674 0.20 0.00 ? 1 TMS A C12    2 
HETATM 503 C C13    . TMS A 1 1 ? -10.853 1.350  -3.531  0.20 0.00 ? 1 TMS A C13    2 
HETATM 504 C C14    . TMS A 1 1 ? -5.925  1.834  -11.575 0.20 0.00 ? 1 TMS A C14    2 
HETATM 505 C C15    . TMS A 1 1 ? -11.543 1.383  -2.216  0.20 0.00 ? 1 TMS A C15    2 
HETATM 506 N N1     . TMS A 1 1 ? -12.431 0.417  -1.939  0.20 0.00 ? 1 TMS A N1     2 
HETATM 507 C C16    . TMS A 1 1 ? -13.153 0.355  -0.683  0.20 0.00 ? 1 TMS A C16    2 
HETATM 508 O O1     . TMS A 1 1 ? -11.293 2.279  -1.410  0.20 0.00 ? 1 TMS A O1     2 
HETATM 509 C C17    . TMS A 1 1 ? -13.123 -0.975 -0.035  0.20 0.00 ? 1 TMS A C17    2 
HETATM 510 C C18    . TMS A 1 1 ? -11.876 -1.047 0.757   0.20 0.00 ? 1 TMS A C18    2 
HETATM 511 O O2     . TMS A 1 1 ? -10.916 -1.211 -0.289  0.20 0.00 ? 1 TMS A O2     2 
HETATM 512 H HE2    . TMS A 1 1 ? -9.193  0.432  -8.108  0.20 0.00 ? 1 TMS A HE2    2 
HETATM 513 H HGA    . TMS A 1 1 ? -8.756  -0.712 -11.055 0.20 0.00 ? 1 TMS A HGA    2 
HETATM 514 H HGB    . TMS A 1 1 ? -7.613  -1.968 -11.530 0.20 0.00 ? 1 TMS A HGB    2 
HETATM 515 H HGC    . TMS A 1 1 ? -8.706  -1.269 -12.726 0.20 0.00 ? 1 TMS A HGC    2 
HETATM 516 H H1A    . TMS A 1 1 ? -4.679  -0.165 -12.947 0.20 0.00 ? 1 TMS A H1A    2 
HETATM 517 H H1B    . TMS A 1 1 ? -3.635  0.907  -12.016 0.20 0.00 ? 1 TMS A H1B    2 
HETATM 518 H H1C    . TMS A 1 1 ? -3.676  1.021  -13.778 0.20 0.00 ? 1 TMS A H1C    2 
HETATM 519 H HFA    . TMS A 1 1 ? -3.795  5.581  -10.844 0.20 0.00 ? 1 TMS A HFA    2 
HETATM 520 H HFB    . TMS A 1 1 ? -5.141  5.212  -9.766  0.20 0.00 ? 1 TMS A HFB    2 
HETATM 521 H HFC    . TMS A 1 1 ? -3.573  4.445  -9.514  0.20 0.00 ? 1 TMS A HFC    2 
HETATM 522 H HE3    . TMS A 1 1 ? -7.560  2.785  -7.013  0.20 0.00 ? 1 TMS A HE3    2 
HETATM 523 H HC4    . TMS A 1 1 ? -8.501  3.012  -5.417  0.20 0.00 ? 1 TMS A HC4    2 
HETATM 524 H HC5    . TMS A 1 1 ? -10.780 -0.537 -6.409  0.20 0.00 ? 1 TMS A HC5    2 
HETATM 525 H HB6    . TMS A 1 1 ? -8.278  0.202  -9.687  0.20 0.00 ? 1 TMS A HB6    2 
HETATM 526 H HB7    . TMS A 1 1 ? -5.966  3.737  -8.718  0.20 0.00 ? 1 TMS A HB7    2 
HETATM 527 H HD8    . TMS A 1 1 ? -9.629  3.120  -3.195  0.20 0.00 ? 1 TMS A HD8    2 
HETATM 528 H HD9    . TMS A 1 1 ? -11.908 -0.430 -4.191  0.20 0.00 ? 1 TMS A HD9    2 
HETATM 529 H H1     . TMS A 1 1 ? -12.612 -0.303 -2.620  0.20 0.00 ? 1 TMS A H1     2 
HETATM 530 H HJB    . TMS A 1 1 ? -12.672 1.080  0.018   0.20 0.00 ? 1 TMS A HJB    2 
HETATM 531 H HJA    . TMS A 1 1 ? -14.213 0.647  -0.862  0.20 0.00 ? 1 TMS A HJA    2 
HETATM 532 H HKA    . TMS A 1 1 ? -14.008 -1.082 0.649   0.20 0.00 ? 1 TMS A HKA    2 
HETATM 533 H HKB    . TMS A 1 1 ? -13.113 -1.775 -0.822  0.20 0.00 ? 1 TMS A HKB    2 
HETATM 534 H HLB    . TMS A 1 1 ? -11.700 -0.076 1.296   0.20 0.00 ? 1 TMS A HLB    2 
HETATM 535 H HLA    . TMS A 1 1 ? -11.874 -1.895 1.479   0.20 0.00 ? 1 TMS A HLA    2 
ATOM   536 P P      . DT  A 1 2 ? -10.373 -2.563 -0.591  0.20 0.00 ? 2 DT  A P      2 
ATOM   537 O OP1    . DT  A 1 2 ? -8.990  -2.631 -0.054  0.20 0.00 ? 2 DT  A OP1    2 
ATOM   538 O OP2    . DT  A 1 2 ? -11.371 -3.582 -0.174  0.20 0.00 ? 2 DT  A OP2    2 
ATOM   539 O "O5'"  . DT  A 1 2 ? -10.269 -2.584 -2.182  0.20 0.00 ? 2 DT  A "O5'"  2 
ATOM   540 C "C5'"  . DT  A 1 2 ? -11.404 -2.897 -2.994  0.20 0.00 ? 2 DT  A "C5'"  2 
ATOM   541 C "C4'"  . DT  A 1 2 ? -10.951 -3.476 -4.314  0.20 0.00 ? 2 DT  A "C4'"  2 
ATOM   542 O "O4'"  . DT  A 1 2 ? -10.281 -2.445 -5.076  0.20 0.00 ? 2 DT  A "O4'"  2 
ATOM   543 C "C3'"  . DT  A 1 2 ? -9.940  -4.613 -4.198  0.20 0.00 ? 2 DT  A "C3'"  2 
ATOM   544 O "O3'"  . DT  A 1 2 ? -10.043 -5.496 -5.322  0.20 0.00 ? 2 DT  A "O3'"  2 
ATOM   545 C "C2'"  . DT  A 1 2 ? -8.613  -3.880 -4.207  0.20 0.00 ? 2 DT  A "C2'"  2 
ATOM   546 C "C1'"  . DT  A 1 2 ? -8.884  -2.708 -5.142  0.20 0.00 ? 2 DT  A "C1'"  2 
ATOM   547 N N1     . DT  A 1 2 ? -8.174  -1.463 -4.786  0.20 0.00 ? 2 DT  A N1     2 
ATOM   548 C C2     . DT  A 1 2 ? -7.293  -0.933 -5.701  0.20 0.00 ? 2 DT  A C2     2 
ATOM   549 O O2     . DT  A 1 2 ? -7.068  -1.442 -6.785  0.20 0.00 ? 2 DT  A O2     2 
ATOM   550 N N3     . DT  A 1 2 ? -6.679  0.224  -5.300  0.20 0.00 ? 2 DT  A N3     2 
ATOM   551 C C4     . DT  A 1 2 ? -6.855  0.890  -4.105  0.20 0.00 ? 2 DT  A C4     2 
ATOM   552 O O4     . DT  A 1 2 ? -6.254  1.940  -3.899  0.20 0.00 ? 2 DT  A O4     2 
ATOM   553 C C5     . DT  A 1 2 ? -7.789  0.275  -3.188  0.20 0.00 ? 2 DT  A C5     2 
ATOM   554 C C7     . DT  A 1 2 ? -8.023  0.915  -1.856  0.20 0.00 ? 2 DT  A C7     2 
ATOM   555 C C6     . DT  A 1 2 ? -8.397  -0.857 -3.567  0.20 0.00 ? 2 DT  A C6     2 
ATOM   556 H "H5'"  . DT  A 1 2 ? -11.982 -1.992 -3.182  0.20 0.00 ? 2 DT  A "H5'"  2 
ATOM   557 H "H5''" . DT  A 1 2 ? -12.034 -3.624 -2.482  0.20 0.00 ? 2 DT  A "H5''" 2 
ATOM   558 H "H4'"  . DT  A 1 2 ? -11.830 -3.884 -4.817  0.20 0.00 ? 2 DT  A "H4'"  2 
ATOM   559 H "H3'"  . DT  A 1 2 ? -10.089 -5.180 -3.279  0.20 0.00 ? 2 DT  A "H3'"  2 
ATOM   560 H "H2'"  . DT  A 1 2 ? -8.335  -3.554 -3.205  0.20 0.00 ? 2 DT  A "H2'"  2 
ATOM   561 H "H2''" . DT  A 1 2 ? -7.811  -4.517 -4.577  0.20 0.00 ? 2 DT  A "H2''" 2 
ATOM   562 H "H1'"  . DT  A 1 2 ? -8.637  -2.965 -6.173  0.20 0.00 ? 2 DT  A "H1'"  2 
ATOM   563 H H3     . DT  A 1 2 ? -6.024  0.632  -5.951  0.20 0.00 ? 2 DT  A H3     2 
ATOM   564 H H71    . DT  A 1 2 ? -8.992  0.603  -1.467  0.20 0.00 ? 2 DT  A H71    2 
ATOM   565 H H72    . DT  A 1 2 ? -8.008  2.000  -1.965  0.20 0.00 ? 2 DT  A H72    2 
ATOM   566 H H73    . DT  A 1 2 ? -7.239  0.610  -1.162  0.20 0.00 ? 2 DT  A H73    2 
ATOM   567 H H6     . DT  A 1 2 ? -9.104  -1.322 -2.878  0.20 0.00 ? 2 DT  A H6     2 
ATOM   568 P P      . DG  A 1 3 ? -9.154  -6.835 -5.370  0.20 0.00 ? 3 DG  A P      2 
ATOM   569 O OP1    . DG  A 1 3 ? -9.536  -7.603 -6.582  0.20 0.00 ? 3 DG  A OP1    2 
ATOM   570 O OP2    . DG  A 1 3 ? -9.246  -7.479 -4.034  0.20 0.00 ? 3 DG  A OP2    2 
ATOM   571 O "O5'"  . DG  A 1 3 ? -7.662  -6.306 -5.558  0.20 0.00 ? 3 DG  A "O5'"  2 
ATOM   572 C "C5'"  . DG  A 1 3 ? -7.235  -5.730 -6.794  0.20 0.00 ? 3 DG  A "C5'"  2 
ATOM   573 C "C4'"  . DG  A 1 3 ? -5.731  -5.583 -6.813  0.20 0.00 ? 3 DG  A "C4'"  2 
ATOM   574 O "O4'"  . DG  A 1 3 ? -5.398  -4.205 -6.520  0.20 0.00 ? 3 DG  A "O4'"  2 
ATOM   575 C "C3'"  . DG  A 1 3 ? -4.973  -6.437 -5.788  0.20 0.00 ? 3 DG  A "C3'"  2 
ATOM   576 O "O3'"  . DG  A 1 3 ? -3.939  -7.179 -6.449  0.20 0.00 ? 3 DG  A "O3'"  2 
ATOM   577 C "C2'"  . DG  A 1 3 ? -4.390  -5.419 -4.817  0.20 0.00 ? 3 DG  A "C2'"  2 
ATOM   578 C "C1'"  . DG  A 1 3 ? -4.273  -4.176 -5.669  0.20 0.00 ? 3 DG  A "C1'"  2 
ATOM   579 N N9     . DG  A 1 3 ? -4.295  -2.921 -4.925  0.20 0.00 ? 3 DG  A N9     2 
ATOM   580 C C8     . DG  A 1 3 ? -5.092  -2.606 -3.851  0.20 0.00 ? 3 DG  A C8     2 
ATOM   581 N N7     . DG  A 1 3 ? -4.885  -1.403 -3.391  0.20 0.00 ? 3 DG  A N7     2 
ATOM   582 C C5     . DG  A 1 3 ? -3.887  -0.893 -4.210  0.20 0.00 ? 3 DG  A C5     2 
ATOM   583 C C6     . DG  A 1 3 ? -3.243  0.370  -4.195  0.20 0.00 ? 3 DG  A C6     2 
ATOM   584 O O6     . DG  A 1 3 ? -3.433  1.322  -3.432  0.20 0.00 ? 3 DG  A O6     2 
ATOM   585 N N1     . DG  A 1 3 ? -2.289  0.469  -5.201  0.20 0.00 ? 3 DG  A N1     2 
ATOM   586 C C2     . DG  A 1 3 ? -1.992  -0.518 -6.107  0.20 0.00 ? 3 DG  A C2     2 
ATOM   587 N N2     . DG  A 1 3 ? -1.042  -0.233 -7.003  0.20 0.00 ? 3 DG  A N2     2 
ATOM   588 N N3     . DG  A 1 3 ? -2.584  -1.698 -6.133  0.20 0.00 ? 3 DG  A N3     2 
ATOM   589 C C4     . DG  A 1 3 ? -3.514  -1.817 -5.163  0.20 0.00 ? 3 DG  A C4     2 
ATOM   590 H "H5'"  . DG  A 1 3 ? -7.690  -4.747 -6.917  0.20 0.00 ? 3 DG  A "H5'"  2 
ATOM   591 H "H5''" . DG  A 1 3 ? -7.541  -6.370 -7.622  0.20 0.00 ? 3 DG  A "H5''" 2 
ATOM   592 H "H4'"  . DG  A 1 3 ? -5.386  -5.905 -7.798  0.20 0.00 ? 3 DG  A "H4'"  2 
ATOM   593 H "H3'"  . DG  A 1 3 ? -5.645  -7.133 -5.287  0.20 0.00 ? 3 DG  A "H3'"  2 
ATOM   594 H "H2'"  . DG  A 1 3 ? -5.041  -5.272 -3.956  0.20 0.00 ? 3 DG  A "H2'"  2 
ATOM   595 H "H2''" . DG  A 1 3 ? -3.416  -5.735 -4.444  0.20 0.00 ? 3 DG  A "H2''" 2 
ATOM   596 H "H1'"  . DG  A 1 3 ? -3.376  -4.204 -6.289  0.20 0.00 ? 3 DG  A "H1'"  2 
ATOM   597 H H8     . DG  A 1 3 ? -5.811  -3.288 -3.426  0.20 0.00 ? 3 DG  A H8     2 
ATOM   598 H H1     . DG  A 1 3 ? -1.779  1.338  -5.263  0.20 0.00 ? 3 DG  A H1     2 
ATOM   599 H H21    . DG  A 1 3 ? -0.578  0.666  -6.984  0.20 0.00 ? 3 DG  A H21    2 
ATOM   600 H H22    . DG  A 1 3 ? -0.784  -0.923 -7.693  0.20 0.00 ? 3 DG  A H22    2 
ATOM   601 P P      . DC  A 1 4 ? -2.803  -7.928 -5.584  0.20 0.00 ? 4 DC  A P      2 
ATOM   602 O OP1    . DC  A 1 4 ? -2.493  -9.213 -6.259  0.20 0.00 ? 4 DC  A OP1    2 
ATOM   603 O OP2    . DC  A 1 4 ? -3.222  -7.932 -4.158  0.20 0.00 ? 4 DC  A OP2    2 
ATOM   604 O "O5'"  . DC  A 1 4 ? -1.532  -6.977 -5.729  0.20 0.00 ? 4 DC  A "O5'"  2 
ATOM   605 C "C5'"  . DC  A 1 4 ? -0.928  -6.748 -7.005  0.20 0.00 ? 4 DC  A "C5'"  2 
ATOM   606 C "C4'"  . DC  A 1 4 ? 0.306   -5.886 -6.858  0.20 0.00 ? 4 DC  A "C4'"  2 
ATOM   607 O "O4'"  . DC  A 1 4 ? -0.075  -4.624 -6.255  0.20 0.00 ? 4 DC  A "O4'"  2 
ATOM   608 C "C3'"  . DC  A 1 4 ? 1.408   -6.462 -5.966  0.20 0.00 ? 4 DC  A "C3'"  2 
ATOM   609 O "O3'"  . DC  A 1 4 ? 2.696   -6.123 -6.496  0.20 0.00 ? 4 DC  A "O3'"  2 
ATOM   610 C "C2'"  . DC  A 1 4 ? 1.170   -5.775 -4.632  0.20 0.00 ? 4 DC  A "C2'"  2 
ATOM   611 C "C1'"  . DC  A 1 4 ? 0.656   -4.414 -5.059  0.20 0.00 ? 4 DC  A "C1'"  2 
ATOM   612 N N1     . DC  A 1 4 ? -0.242  -3.762 -4.091  0.20 0.00 ? 4 DC  A N1     2 
ATOM   613 C C2     . DC  A 1 4 ? -0.003  -2.430 -3.740  0.20 0.00 ? 4 DC  A C2     2 
ATOM   614 O O2     . DC  A 1 4 ? 0.953   -1.835 -4.257  0.20 0.00 ? 4 DC  A O2     2 
ATOM   615 N N3     . DC  A 1 4 ? -0.821  -1.824 -2.850  0.20 0.00 ? 4 DC  A N3     2 
ATOM   616 C C4     . DC  A 1 4 ? -1.844  -2.498 -2.318  0.20 0.00 ? 4 DC  A C4     2 
ATOM   617 N N4     . DC  A 1 4 ? -2.625  -1.858 -1.448  0.20 0.00 ? 4 DC  A N4     2 
ATOM   618 C C5     . DC  A 1 4 ? -2.110  -3.855 -2.658  0.20 0.00 ? 4 DC  A C5     2 
ATOM   619 C C6     . DC  A 1 4 ? -1.292  -4.443 -3.540  0.20 0.00 ? 4 DC  A C6     2 
ATOM   620 H "H5'"  . DC  A 1 4 ? -1.638  -6.243 -7.660  0.20 0.00 ? 4 DC  A "H5'"  2 
ATOM   621 H "H5''" . DC  A 1 4 ? -0.645  -7.701 -7.452  0.20 0.00 ? 4 DC  A "H5''" 2 
ATOM   622 H "H4'"  . DC  A 1 4 ? 0.741   -5.769 -7.852  0.20 0.00 ? 4 DC  A "H4'"  2 
ATOM   623 H "H3'"  . DC  A 1 4 ? 1.324   -7.546 -5.889  0.20 0.00 ? 4 DC  A "H3'"  2 
ATOM   624 H "H2'"  . DC  A 1 4 ? 0.444   -6.322 -4.030  0.20 0.00 ? 4 DC  A "H2'"  2 
ATOM   625 H "H2''" . DC  A 1 4 ? 2.089   -5.705 -4.053  0.20 0.00 ? 4 DC  A "H2''" 2 
ATOM   626 H "H1'"  . DC  A 1 4 ? 1.481   -3.735 -5.282  0.20 0.00 ? 4 DC  A "H1'"  2 
ATOM   627 H H41    . DC  A 1 4 ? -2.428  -0.896 -1.210  0.20 0.00 ? 4 DC  A H41    2 
ATOM   628 H H42    . DC  A 1 4 ? -3.411  -2.332 -1.024  0.20 0.00 ? 4 DC  A H42    2 
ATOM   629 H H5     . DC  A 1 4 ? -2.948  -4.396 -2.217  0.20 0.00 ? 4 DC  A H5     2 
ATOM   630 H H6     . DC  A 1 4 ? -1.466  -5.481 -3.822  0.20 0.00 ? 4 DC  A H6     2 
ATOM   631 P P      . DG  A 1 5 ? 4.030   -6.556 -5.708  0.20 0.00 ? 5 DG  A P      2 
ATOM   632 O OP1    . DG  A 1 5 ? 5.035   -6.947 -6.728  0.20 0.00 ? 5 DG  A OP1    2 
ATOM   633 O OP2    . DG  A 1 5 ? 3.664   -7.518 -4.635  0.20 0.00 ? 5 DG  A OP2    2 
ATOM   634 O "O5'"  . DG  A 1 5 ? 4.528   -5.208 -5.018  0.20 0.00 ? 5 DG  A "O5'"  2 
ATOM   635 C "C5'"  . DG  A 1 5 ? 4.568   -3.979 -5.750  0.20 0.00 ? 5 DG  A "C5'"  2 
ATOM   636 C "C4'"  . DG  A 1 5 ? 5.366   -2.941 -4.995  0.20 0.00 ? 5 DG  A "C4'"  2 
ATOM   637 O "O4'"  . DG  A 1 5 ? 4.464   -2.175 -4.158  0.20 0.00 ? 5 DG  A "O4'"  2 
ATOM   638 C "C3'"  . DG  A 1 5 ? 6.443   -3.494 -4.057  0.20 0.00 ? 5 DG  A "C3'"  2 
ATOM   639 O "O3'"  . DG  A 1 5 ? 7.605   -2.654 -4.099  0.20 0.00 ? 5 DG  A "O3'"  2 
ATOM   640 C "C2'"  . DG  A 1 5 ? 5.776   -3.439 -2.694  0.20 0.00 ? 5 DG  A "C2'"  2 
ATOM   641 C "C1'"  . DG  A 1 5 ? 4.915   -2.200 -2.816  0.20 0.00 ? 5 DG  A "C1'"  2 
ATOM   642 N N9     . DG  A 1 5 ? 3.743   -2.183 -1.945  0.20 0.00 ? 5 DG  A N9     2 
ATOM   643 C C8     . DG  A 1 5 ? 2.810   -3.178 -1.792  0.20 0.00 ? 5 DG  A C8     2 
ATOM   644 N N7     . DG  A 1 5 ? 1.871   -2.877 -0.938  0.20 0.00 ? 5 DG  A N7     2 
ATOM   645 C C5     . DG  A 1 5 ? 2.205   -1.603 -0.499  0.20 0.00 ? 5 DG  A C5     2 
ATOM   646 C C6     . DG  A 1 5 ? 1.558   -0.754 0.437   0.20 0.00 ? 5 DG  A C6     2 
ATOM   647 O O6     . DG  A 1 5 ? 0.528   -0.965 1.085   0.20 0.00 ? 5 DG  A O6     2 
ATOM   648 N N1     . DG  A 1 5 ? 2.236   0.452  0.585   0.20 0.00 ? 5 DG  A N1     2 
ATOM   649 C C2     . DG  A 1 5 ? 3.386   0.796  -0.079  0.20 0.00 ? 5 DG  A C2     2 
ATOM   650 N N2     . DG  A 1 5 ? 3.891   2.002  0.199   0.20 0.00 ? 5 DG  A N2     2 
ATOM   651 N N3     . DG  A 1 5 ? 3.998   0.016  -0.952  0.20 0.00 ? 5 DG  A N3     2 
ATOM   652 C C4     . DG  A 1 5 ? 3.358   -1.161 -1.112  0.20 0.00 ? 5 DG  A C4     2 
ATOM   653 H "H5'"  . DG  A 1 5 ? 3.553   -3.609 -5.898  0.20 0.00 ? 5 DG  A "H5'"  2 
ATOM   654 H "H5''" . DG  A 1 5 ? 5.031   -4.148 -6.722  0.20 0.00 ? 5 DG  A "H5''" 2 
ATOM   655 H "H4'"  . DG  A 1 5 ? 5.886   -2.329 -5.735  0.20 0.00 ? 5 DG  A "H4'"  2 
ATOM   656 H "H3'"  . DG  A 1 5 ? 6.723   -4.510 -4.334  0.20 0.00 ? 5 DG  A "H3'"  2 
ATOM   657 H "H2'"  . DG  A 1 5 ? 5.185   -4.337 -2.505  0.20 0.00 ? 5 DG  A "H2'"  2 
ATOM   658 H "H2''" . DG  A 1 5 ? 6.511   -3.358 -1.894  0.20 0.00 ? 5 DG  A "H2''" 2 
ATOM   659 H "H1'"  . DG  A 1 5 ? 5.499   -1.296 -2.637  0.20 0.00 ? 5 DG  A "H1'"  2 
ATOM   660 H H8     . DG  A 1 5 ? 2.850   -4.116 -2.325  0.20 0.00 ? 5 DG  A H8     2 
ATOM   661 H H1     . DG  A 1 5 ? 1.844   1.121  1.233   0.20 0.00 ? 5 DG  A H1     2 
ATOM   662 H H21    . DG  A 1 5 ? 3.424   2.610  0.860   0.20 0.00 ? 5 DG  A H21    2 
ATOM   663 H H22    . DG  A 1 5 ? 4.737   2.308  -0.260  0.20 0.00 ? 5 DG  A H22    2 
ATOM   664 P P      . DC  A 1 6 ? 8.846   -2.946 -3.115  0.20 0.00 ? 6 DC  A P      2 
ATOM   665 O OP1    . DC  A 1 6 ? 10.082  -2.826 -3.928  0.20 0.00 ? 6 DC  A OP1    2 
ATOM   666 O OP2    . DC  A 1 6 ? 8.584   -4.199 -2.361  0.20 0.00 ? 6 DC  A OP2    2 
ATOM   667 O "O5'"  . DC  A 1 6 ? 8.815   -1.727 -2.088  0.20 0.00 ? 6 DC  A "O5'"  2 
ATOM   668 C "C5'"  . DC  A 1 6 ? 9.143   -0.402 -2.510  0.20 0.00 ? 6 DC  A "C5'"  2 
ATOM   669 C "C4'"  . DC  A 1 6 ? 9.166   0.539  -1.327  0.20 0.00 ? 6 DC  A "C4'"  2 
ATOM   670 O "O4'"  . DC  A 1 6 ? 7.873   0.500  -0.673  0.20 0.00 ? 6 DC  A "O4'"  2 
ATOM   671 C "C3'"  . DC  A 1 6 ? 10.192  0.203  -0.243  0.20 0.00 ? 6 DC  A "C3'"  2 
ATOM   672 O "O3'"  . DC  A 1 6 ? 10.714  1.408  0.328   0.20 0.00 ? 6 DC  A "O3'"  2 
ATOM   673 C "C2'"  . DC  A 1 6 ? 9.378   -0.578 0.774   0.20 0.00 ? 6 DC  A "C2'"  2 
ATOM   674 C "C1'"  . DC  A 1 6 ? 8.015   0.081  0.675   0.20 0.00 ? 6 DC  A "C1'"  2 
ATOM   675 N N1     . DC  A 1 6 ? 6.883   -0.803 0.995   0.20 0.00 ? 6 DC  A N1     2 
ATOM   676 C C2     . DC  A 1 6 ? 5.961   -0.397 1.964   0.20 0.00 ? 6 DC  A C2     2 
ATOM   677 O O2     . DC  A 1 6 ? 6.123   0.695  2.528   0.20 0.00 ? 6 DC  A O2     2 
ATOM   678 N N3     . DC  A 1 6 ? 4.919   -1.205 2.262   0.20 0.00 ? 6 DC  A N3     2 
ATOM   679 C C4     . DC  A 1 6 ? 4.778   -2.373 1.633   0.20 0.00 ? 6 DC  A C4     2 
ATOM   680 N N4     . DC  A 1 6 ? 3.733   -3.134 1.957   0.20 0.00 ? 6 DC  A N4     2 
ATOM   681 C C5     . DC  A 1 6 ? 5.703   -2.811 0.642   0.20 0.00 ? 6 DC  A C5     2 
ATOM   682 C C6     . DC  A 1 6 ? 6.731   -2.002 0.357   0.20 0.00 ? 6 DC  A C6     2 
ATOM   683 H "H5'"  . DC  A 1 6 ? 8.402   -0.052 -3.228  0.20 0.00 ? 6 DC  A "H5'"  2 
ATOM   684 H "H5''" . DC  A 1 6 ? 10.126  -0.401 -2.983  0.20 0.00 ? 6 DC  A "H5''" 2 
ATOM   685 H "H4'"  . DC  A 1 6 ? 9.426   1.530  -1.703  0.20 0.00 ? 6 DC  A "H4'"  2 
ATOM   686 H "H3'"  . DC  A 1 6 ? 11.012  -0.388 -0.649  0.20 0.00 ? 6 DC  A "H3'"  2 
ATOM   687 H "H2'"  . DC  A 1 6 ? 9.344   -1.638 0.524   0.20 0.00 ? 6 DC  A "H2'"  2 
ATOM   688 H "H2''" . DC  A 1 6 ? 9.802   -0.490 1.774   0.20 0.00 ? 6 DC  A "H2''" 2 
ATOM   689 H "H1'"  . DC  A 1 6 ? 7.959   0.966  1.311   0.20 0.00 ? 6 DC  A "H1'"  2 
ATOM   690 H H41    . DC  A 1 6 ? 3.078   -2.816 2.657   0.20 0.00 ? 6 DC  A H41    2 
ATOM   691 H H42    . DC  A 1 6 ? 3.592   -4.024 1.502   0.20 0.00 ? 6 DC  A H42    2 
ATOM   692 H H5     . DC  A 1 6 ? 5.579   -3.770 0.137   0.20 0.00 ? 6 DC  A H5     2 
ATOM   693 H H6     . DC  A 1 6 ? 7.457   -2.306 -0.397  0.20 0.00 ? 6 DC  A H6     2 
ATOM   694 P P      . DA  A 1 7 ? 11.737  1.332  1.569   0.20 0.00 ? 7 DA  A P      2 
ATOM   695 O OP1    . DA  A 1 7 ? 12.677  2.474  1.434   0.20 0.00 ? 7 DA  A OP1    2 
ATOM   696 O OP2    . DA  A 1 7 ? 12.272  -0.050 1.664   0.20 0.00 ? 7 DA  A OP2    2 
ATOM   697 O "O5'"  . DA  A 1 7 ? 10.817  1.601  2.842   0.20 0.00 ? 7 DA  A "O5'"  2 
ATOM   698 C "C5'"  . DA  A 1 7 ? 9.903   2.701  2.872   0.20 0.00 ? 7 DA  A "C5'"  2 
ATOM   699 C "C4'"  . DA  A 1 7 ? 9.686   3.167  4.294   0.20 0.00 ? 7 DA  A "C4'"  2 
ATOM   700 O "O4'"  . DA  A 1 7 ? 8.446   2.605  4.785   0.20 0.00 ? 7 DA  A "O4'"  2 
ATOM   701 C "C3'"  . DA  A 1 7 ? 10.756  2.736  5.295   0.20 0.00 ? 7 DA  A "C3'"  2 
ATOM   702 O "O3'"  . DA  A 1 7 ? 10.906  3.709  6.333   0.20 0.00 ? 7 DA  A "O3'"  2 
ATOM   703 C "C2'"  . DA  A 1 7 ? 10.207  1.440  5.858   0.20 0.00 ? 7 DA  A "C2'"  2 
ATOM   704 C "C1'"  . DA  A 1 7 ? 8.698   1.635  5.791   0.20 0.00 ? 7 DA  A "C1'"  2 
ATOM   705 N N9     . DA  A 1 7 ? 7.960   0.424  5.437   0.20 0.00 ? 7 DA  A N9     2 
ATOM   706 C C8     . DA  A 1 7 ? 8.259   -0.470 4.439   0.20 0.00 ? 7 DA  A C8     2 
ATOM   707 N N7     . DA  A 1 7 ? 7.413   -1.467 4.352   0.20 0.00 ? 7 DA  A N7     2 
ATOM   708 C C5     . DA  A 1 7 ? 6.492   -1.212 5.360   0.20 0.00 ? 7 DA  A C5     2 
ATOM   709 C C6     . DA  A 1 7 ? 5.344   -1.898 5.787   0.20 0.00 ? 7 DA  A C6     2 
ATOM   710 N N6     . DA  A 1 7 ? 4.908   -3.029 5.229   0.20 0.00 ? 7 DA  A N6     2 
ATOM   711 N N1     . DA  A 1 7 ? 4.648   -1.378 6.822   0.20 0.00 ? 7 DA  A N1     2 
ATOM   712 C C2     . DA  A 1 7 ? 5.086   -0.241 7.381   0.20 0.00 ? 7 DA  A C2     2 
ATOM   713 N N3     . DA  A 1 7 ? 6.150   0.496  7.068   0.20 0.00 ? 7 DA  A N3     2 
ATOM   714 C C4     . DA  A 1 7 ? 6.818   -0.050 6.036   0.20 0.00 ? 7 DA  A C4     2 
ATOM   715 H "H5'"  . DA  A 1 7 ? 8.948   2.394  2.448   0.20 0.00 ? 7 DA  A "H5'"  2 
ATOM   716 H "H5''" . DA  A 1 7 ? 10.304  3.527  2.285   0.20 0.00 ? 7 DA  A "H5''" 2 
ATOM   717 H "H4'"  . DA  A 1 7 ? 9.687   4.257  4.285   0.20 0.00 ? 7 DA  A "H4'"  2 
ATOM   718 H "H3'"  . DA  A 1 7 ? 11.716  2.588  4.801   0.20 0.00 ? 7 DA  A "H3'"  2 
ATOM   719 H "HO3'" . DA  A 1 7 ? 11.077  4.554  5.912   0.20 0.00 ? 7 DA  A "HO3'" 2 
ATOM   720 H "H2'"  . DA  A 1 7 ? 10.538  0.581  5.275   0.20 0.00 ? 7 DA  A "H2'"  2 
ATOM   721 H "H2''" . DA  A 1 7 ? 10.535  1.285  6.886   0.20 0.00 ? 7 DA  A "H2''" 2 
ATOM   722 H "H1'"  . DA  A 1 7 ? 8.308   2.016  6.735   0.20 0.00 ? 7 DA  A "H1'"  2 
ATOM   723 H H8     . DA  A 1 7 ? 9.115   -0.362 3.789   0.20 0.00 ? 7 DA  A H8     2 
ATOM   724 H H61    . DA  A 1 7 ? 4.072   -3.476 5.583   0.20 0.00 ? 7 DA  A H61    2 
ATOM   725 H H62    . DA  A 1 7 ? 5.411   -3.435 4.454   0.20 0.00 ? 7 DA  A H62    2 
ATOM   726 H H2     . DA  A 1 7 ? 4.487   0.134  8.210   0.20 0.00 ? 7 DA  A H2     2 
HETATM 727 C C1     . TMS B 1 1 ? 4.228   -2.992 10.463  0.20 0.00 ? 1 TMS B C1     2 
HETATM 728 O O20    . TMS B 1 1 ? 9.548   -0.988 8.081   0.20 0.00 ? 1 TMS B O20    2 
HETATM 729 C C20    . TMS B 1 1 ? 9.679   -2.015 7.110   0.20 0.00 ? 1 TMS B C20    2 
HETATM 730 O O21    . TMS B 1 1 ? 9.396   0.986  9.887   0.20 0.00 ? 1 TMS B O21    2 
HETATM 731 C C21    . TMS B 1 1 ? 9.080   2.218  9.301   0.20 0.00 ? 1 TMS B C21    2 
HETATM 732 O O22    . TMS B 1 1 ? 7.326   1.138  11.590  0.20 0.00 ? 1 TMS B O22    2 
HETATM 733 C C22    . TMS B 1 1 ? 6.261   1.277  12.520  0.20 0.00 ? 1 TMS B C22    2 
HETATM 734 C C2     . TMS B 1 1 ? 5.276   -2.939 9.632   0.20 0.00 ? 1 TMS B C2     2 
HETATM 735 C C3     . TMS B 1 1 ? 3.158   -4.014 10.396  0.20 0.00 ? 1 TMS B C3     2 
HETATM 736 C C4     . TMS B 1 1 ? 6.339   -1.910 9.711   0.20 0.00 ? 1 TMS B C4     2 
HETATM 737 C C5     . TMS B 1 1 ? 3.236   -5.049 9.444   0.20 0.00 ? 1 TMS B C5     2 
HETATM 738 C C6     . TMS B 1 1 ? 2.049   -3.987 11.262  0.20 0.00 ? 1 TMS B C6     2 
HETATM 739 C C7     . TMS B 1 1 ? 7.435   -1.970 8.828   0.20 0.00 ? 1 TMS B C7     2 
HETATM 740 C C8     . TMS B 1 1 ? 6.285   -0.863 10.653  0.20 0.00 ? 1 TMS B C8     2 
HETATM 741 C C9     . TMS B 1 1 ? 2.234   -6.032 9.358   0.20 0.00 ? 1 TMS B C9     2 
HETATM 742 C C10    . TMS B 1 1 ? 1.047   -4.969 11.177  0.20 0.00 ? 1 TMS B C10    2 
HETATM 743 C C11    . TMS B 1 1 ? 8.458   -1.005 8.883   0.20 0.00 ? 1 TMS B C11    2 
HETATM 744 C C12    . TMS B 1 1 ? 7.302   0.106  10.716  0.20 0.00 ? 1 TMS B C12    2 
HETATM 745 C C13    . TMS B 1 1 ? 1.121   -6.005 10.228  0.20 0.00 ? 1 TMS B C13    2 
HETATM 746 C C14    . TMS B 1 1 ? 8.393   0.036  9.828   0.20 0.00 ? 1 TMS B C14    2 
HETATM 747 C C15    . TMS B 1 1 ? 0.041   -7.025 10.166  0.20 0.00 ? 1 TMS B C15    2 
HETATM 748 N N1     . TMS B 1 1 ? -0.990  -6.910 11.015  0.20 0.00 ? 1 TMS B N1     2 
HETATM 749 C C16    . TMS B 1 1 ? -2.095  -7.851 11.037  0.20 0.00 ? 1 TMS B C16    2 
HETATM 750 O O1     . TMS B 1 1 ? 0.108   -7.945 9.352   0.20 0.00 ? 1 TMS B O1     2 
HETATM 751 C C17    . TMS B 1 1 ? -2.859  -7.862 12.302  0.20 0.00 ? 1 TMS B C17    2 
HETATM 752 C C18    . TMS B 1 1 ? -3.867  -6.786 12.203  0.20 0.00 ? 1 TMS B C18    2 
HETATM 753 O O2     . TMS B 1 1 ? -3.509  -6.008 13.346  0.20 0.00 ? 1 TMS B O2     2 
HETATM 754 H HE2    . TMS B 1 1 ? 4.157   -2.226 11.250  0.20 0.00 ? 1 TMS B HE2    2 
HETATM 755 H HGA    . TMS B 1 1 ? 8.777   -2.068 6.518   0.20 0.00 ? 1 TMS B HGA    2 
HETATM 756 H HGB    . TMS B 1 1 ? 10.518  -1.797 6.466   0.20 0.00 ? 1 TMS B HGB    2 
HETATM 757 H HGC    . TMS B 1 1 ? 9.838   -2.962 7.605   0.20 0.00 ? 1 TMS B HGC    2 
HETATM 758 H H1A    . TMS B 1 1 ? 9.170   3.001  10.038  0.20 0.00 ? 1 TMS B H1A    2 
HETATM 759 H H1B    . TMS B 1 1 ? 8.066   2.189  8.929   0.20 0.00 ? 1 TMS B H1B    2 
HETATM 760 H H1C    . TMS B 1 1 ? 9.760   2.415  8.484   0.20 0.00 ? 1 TMS B H1C    2 
HETATM 761 H HFA    . TMS B 1 1 ? 5.418   0.686  12.192  0.20 0.00 ? 1 TMS B HFA    2 
HETATM 762 H HFB    . TMS B 1 1 ? 6.584   0.934  13.492  0.20 0.00 ? 1 TMS B HFB    2 
HETATM 763 H HFC    . TMS B 1 1 ? 5.968   2.315  12.582  0.20 0.00 ? 1 TMS B HFC    2 
HETATM 764 H HE3    . TMS B 1 1 ? 5.351   -3.703 8.843   0.20 0.00 ? 1 TMS B HE3    2 
HETATM 765 H HC4    . TMS B 1 1 ? 4.096   -5.088 8.757   0.20 0.00 ? 1 TMS B HC4    2 
HETATM 766 H HC5    . TMS B 1 1 ? 1.965   -3.188 12.015  0.20 0.00 ? 1 TMS B HC5    2 
HETATM 767 H HB6    . TMS B 1 1 ? 7.491   -2.782 8.087   0.20 0.00 ? 1 TMS B HB6    2 
HETATM 768 H HB7    . TMS B 1 1 ? 5.433   -0.804 11.349  0.20 0.00 ? 1 TMS B HB7    2 
HETATM 769 H HD8    . TMS B 1 1 ? 2.317   -6.831 8.606   0.20 0.00 ? 1 TMS B HD8    2 
HETATM 770 H HD9    . TMS B 1 1 ? 0.189   -4.926 11.866  0.20 0.00 ? 1 TMS B HD9    2 
HETATM 771 H H1     . TMS B 1 1 ? -1.014  -6.145 11.670  0.20 0.00 ? 1 TMS B H1     2 
HETATM 772 H HJB    . TMS B 1 1 ? -2.800  -7.557 10.221  0.20 0.00 ? 1 TMS B HJB    2 
HETATM 773 H HJA    . TMS B 1 1 ? -1.699  -8.875 10.846  0.20 0.00 ? 1 TMS B HJA    2 
HETATM 774 H HKA    . TMS B 1 1 ? -3.376  -8.851 12.423  0.20 0.00 ? 1 TMS B HKA    2 
HETATM 775 H HKB    . TMS B 1 1 ? -2.167  -7.651 13.160  0.20 0.00 ? 1 TMS B HKB    2 
HETATM 776 H HLB    . TMS B 1 1 ? -3.712  -6.189 11.264  0.20 0.00 ? 1 TMS B HLB    2 
HETATM 777 H HLA    . TMS B 1 1 ? -4.911  -7.167 12.253  0.20 0.00 ? 1 TMS B HLA    2 
ATOM   778 P P      . DT  B 1 2 ? -4.034  -4.624 13.490  0.20 0.00 ? 2 DT  B P      2 
ATOM   779 O OP1    . DT  B 1 2 ? -3.400  -4.019 14.688  0.20 0.00 ? 2 DT  B OP1    2 
ATOM   780 O OP2    . DT  B 1 2 ? -5.514  -4.679 13.394  0.20 0.00 ? 2 DT  B OP2    2 
ATOM   781 O "O5'"  . DT  B 1 2 ? -3.480  -3.863 12.203  0.20 0.00 ? 2 DT  B "O5'"  2 
ATOM   782 C "C5'"  . DT  B 1 2 ? -2.087  -3.871 11.884  0.20 0.00 ? 2 DT  B "C5'"  2 
ATOM   783 C "C4'"  . DT  B 1 2 ? -1.511  -2.481 12.022  0.20 0.00 ? 2 DT  B "C4'"  2 
ATOM   784 O "O4'"  . DT  B 1 2 ? -0.198  -2.459 11.413  0.20 0.00 ? 2 DT  B "O4'"  2 
ATOM   785 C "C3'"  . DT  B 1 2 ? -2.305  -1.376 11.326  0.20 0.00 ? 2 DT  B "C3'"  2 
ATOM   786 O "O3'"  . DT  B 1 2 ? -2.164  -0.140 12.038  0.20 0.00 ? 2 DT  B "O3'"  2 
ATOM   787 C "C2'"  . DT  B 1 2 ? -1.648  -1.294 9.961   0.20 0.00 ? 2 DT  B "C2'"  2 
ATOM   788 C "C1'"  . DT  B 1 2 ? -0.193  -1.605 10.276  0.20 0.00 ? 2 DT  B "C1'"  2 
ATOM   789 N N1     . DT  B 1 2 ? 0.533   -2.297 9.192   0.20 0.00 ? 2 DT  B N1     2 
ATOM   790 C C2     . DT  B 1 2 ? 1.724   -1.759 8.759   0.20 0.00 ? 2 DT  B C2     2 
ATOM   791 O O2     . DT  B 1 2 ? 2.207   -0.743 9.227   0.20 0.00 ? 2 DT  B O2     2 
ATOM   792 N N3     . DT  B 1 2 ? 2.334   -2.459 7.752   0.20 0.00 ? 2 DT  B N3     2 
ATOM   793 C C4     . DT  B 1 2 ? 1.884   -3.615 7.150   0.20 0.00 ? 2 DT  B C4     2 
ATOM   794 O O4     . DT  B 1 2 ? 2.549   -4.138 6.262   0.20 0.00 ? 2 DT  B O4     2 
ATOM   795 C C5     . DT  B 1 2 ? 0.629   -4.125 7.651   0.20 0.00 ? 2 DT  B C5     2 
ATOM   796 C C7     . DT  B 1 2 ? 0.060   -5.372 7.049   0.20 0.00 ? 2 DT  B C7     2 
ATOM   797 C C6     . DT  B 1 2 ? 0.019   -3.451 8.638   0.20 0.00 ? 2 DT  B C6     2 
ATOM   798 H "H5'"  . DT  B 1 2 ? -1.949  -4.213 10.858  0.20 0.00 ? 2 DT  B "H5'"  2 
ATOM   799 H "H5''" . DT  B 1 2 ? -1.558  -4.544 12.558  0.20 0.00 ? 2 DT  B "H5''" 2 
ATOM   800 H "H4'"  . DT  B 1 2 ? -1.495  -2.234 13.085  0.20 0.00 ? 2 DT  B "H4'"  2 
ATOM   801 H "H3'"  . DT  B 1 2 ? -3.360  -1.634 11.257  0.20 0.00 ? 2 DT  B "H3'"  2 
ATOM   802 H "H2'"  . DT  B 1 2 ? -2.084  -2.013 9.267   0.20 0.00 ? 2 DT  B "H2'"  2 
ATOM   803 H "H2''" . DT  B 1 2 ? -1.766  -0.303 9.522   0.20 0.00 ? 2 DT  B "H2''" 2 
ATOM   804 H "H1'"  . DT  B 1 2 ? 0.354   -0.697 10.538  0.20 0.00 ? 2 DT  B "H1'"  2 
ATOM   805 H H3     . DT  B 1 2 ? 3.209   -2.083 7.413   0.20 0.00 ? 2 DT  B H3     2 
ATOM   806 H H71    . DT  B 1 2 ? -0.264  -5.168 6.029   0.20 0.00 ? 2 DT  B H71    2 
ATOM   807 H H72    . DT  B 1 2 ? 0.823   -6.151 7.039   0.20 0.00 ? 2 DT  B H72    2 
ATOM   808 H H73    . DT  B 1 2 ? -0.792  -5.706 7.641   0.20 0.00 ? 2 DT  B H73    2 
ATOM   809 H H6     . DT  B 1 2 ? -0.927  -3.835 9.019   0.20 0.00 ? 2 DT  B H6     2 
ATOM   810 P P      . DG  B 1 3 ? -2.871  1.191  11.477  0.20 0.00 ? 3 DG  B P      2 
ATOM   811 O OP1    . DG  B 1 3 ? -3.041  2.117  12.626  0.20 0.00 ? 3 DG  B OP1    2 
ATOM   812 O OP2    . DG  B 1 3 ? -4.057  0.795  10.674  0.20 0.00 ? 3 DG  B OP2    2 
ATOM   813 O "O5'"  . DG  B 1 3 ? -1.787  1.818  10.490  0.20 0.00 ? 3 DG  B "O5'"  2 
ATOM   814 C "C5'"  . DG  B 1 3 ? -0.552  2.336  10.988  0.20 0.00 ? 3 DG  B "C5'"  2 
ATOM   815 C "C4'"  . DG  B 1 3 ? 0.138   3.160  9.925   0.20 0.00 ? 3 DG  B "C4'"  2 
ATOM   816 O "O4'"  . DG  B 1 3 ? 0.902   2.272  9.072   0.20 0.00 ? 3 DG  B "O4'"  2 
ATOM   817 C "C3'"  . DG  B 1 3 ? -0.794  3.946  8.998   0.20 0.00 ? 3 DG  B "C3'"  2 
ATOM   818 O "O3'"  . DG  B 1 3 ? -0.276  5.267  8.789   0.20 0.00 ? 3 DG  B "O3'"  2 
ATOM   819 C "C2'"  . DG  B 1 3 ? -0.775  3.142  7.709   0.20 0.00 ? 3 DG  B "C2'"  2 
ATOM   820 C "C1'"  . DG  B 1 3 ? 0.624   2.567  7.717   0.20 0.00 ? 3 DG  B "C1'"  2 
ATOM   821 N N9     . DG  B 1 3 ? 0.787   1.340  6.942   0.20 0.00 ? 3 DG  B N9     2 
ATOM   822 C C8     . DG  B 1 3 ? -0.039  0.243  6.944   0.20 0.00 ? 3 DG  B C8     2 
ATOM   823 N N7     . DG  B 1 3 ? 0.362   -0.702 6.139   0.20 0.00 ? 3 DG  B N7     2 
ATOM   824 C C5     . DG  B 1 3 ? 1.523   -0.199 5.570   0.20 0.00 ? 3 DG  B C5     2 
ATOM   825 C C6     . DG  B 1 3 ? 2.405   -0.772 4.618   0.20 0.00 ? 3 DG  B C6     2 
ATOM   826 O O6     . DG  B 1 3 ? 2.334   -1.877 4.069   0.20 0.00 ? 3 DG  B O6     2 
ATOM   827 N N1     . DG  B 1 3 ? 3.459   0.083  4.317   0.20 0.00 ? 3 DG  B N1     2 
ATOM   828 C C2     . DG  B 1 3 ? 3.645   1.328  4.864   0.20 0.00 ? 3 DG  B C2     2 
ATOM   829 N N2     . DG  B 1 3 ? 4.724   2.001  4.451   0.20 0.00 ? 3 DG  B N2     2 
ATOM   830 N N3     . DG  B 1 3 ? 2.833   1.874  5.752   0.20 0.00 ? 3 DG  B N3     2 
ATOM   831 C C4     . DG  B 1 3 ? 1.800   1.061  6.058   0.20 0.00 ? 3 DG  B C4     2 
ATOM   832 H "H5'"  . DG  B 1 3 ? 0.100   1.512  11.279  0.20 0.00 ? 3 DG  B "H5'"  2 
ATOM   833 H "H5''" . DG  B 1 3 ? -0.742  2.964  11.859  0.20 0.00 ? 3 DG  B "H5''" 2 
ATOM   834 H "H4'"  . DG  B 1 3 ? 0.759   3.897  10.438  0.20 0.00 ? 3 DG  B "H4'"  2 
ATOM   835 H "H3'"  . DG  B 1 3 ? -1.797  4.017  9.418   0.20 0.00 ? 3 DG  B "H3'"  2 
ATOM   836 H "H2'"  . DG  B 1 3 ? -1.541  2.366  7.713   0.20 0.00 ? 3 DG  B "H2'"  2 
ATOM   837 H "H2''" . DG  B 1 3 ? -0.953  3.774  6.841   0.20 0.00 ? 3 DG  B "H2''" 2 
ATOM   838 H "H1'"  . DG  B 1 3 ? 1.355   3.301  7.372   0.20 0.00 ? 3 DG  B "H1'"  2 
ATOM   839 H H8     . DG  B 1 3 ? -0.930  0.171  7.549   0.20 0.00 ? 3 DG  B H8     2 
ATOM   840 H H1     . DG  B 1 3 ? 4.137   -0.242 3.644   0.20 0.00 ? 3 DG  B H1     2 
ATOM   841 H H21    . DG  B 1 3 ? 5.348   1.592  3.768   0.20 0.00 ? 3 DG  B H21    2 
ATOM   842 H H22    . DG  B 1 3 ? 4.911   2.922  4.820   0.20 0.00 ? 3 DG  B H22    2 
ATOM   843 P P      . DC  B 1 4 ? -0.981  6.251  7.728   0.20 0.00 ? 4 DC  B P      2 
ATOM   844 O OP1    . DC  B 1 4 ? -1.044  7.606  8.333   0.20 0.00 ? 4 DC  B OP1    2 
ATOM   845 O OP2    . DC  B 1 4 ? -2.232  5.605  7.251   0.20 0.00 ? 4 DC  B OP2    2 
ATOM   846 O "O5'"  . DC  B 1 4 ? 0.046   6.299  6.510   0.20 0.00 ? 4 DC  B "O5'"  2 
ATOM   847 C "C5'"  . DC  B 1 4 ? 1.313   6.947  6.643   0.20 0.00 ? 4 DC  B "C5'"  2 
ATOM   848 C "C4'"  . DC  B 1 4 ? 2.031   6.976  5.314   0.20 0.00 ? 4 DC  B "C4'"  2 
ATOM   849 O "O4'"  . DC  B 1 4 ? 2.196   5.615  4.843   0.20 0.00 ? 4 DC  B "O4'"  2 
ATOM   850 C "C3'"  . DC  B 1 4 ? 1.303   7.722  4.194   0.20 0.00 ? 4 DC  B "C3'"  2 
ATOM   851 O "O3'"  . DC  B 1 4 ? 2.251   8.404  3.362   0.20 0.00 ? 4 DC  B "O3'"  2 
ATOM   852 C "C2'"  . DC  B 1 4 ? 0.605   6.610  3.431   0.20 0.00 ? 4 DC  B "C2'"  2 
ATOM   853 C "C1'"  . DC  B 1 4 ? 1.583   5.459  3.573   0.20 0.00 ? 4 DC  B "C1'"  2 
ATOM   854 N N1     . DC  B 1 4 ? 0.970   4.123  3.529   0.20 0.00 ? 4 DC  B N1     2 
ATOM   855 C C2     . DC  B 1 4 ? 1.488   3.171  2.648   0.20 0.00 ? 4 DC  B C2     2 
ATOM   856 O O2     . DC  B 1 4 ? 2.449   3.480  1.929   0.20 0.00 ? 4 DC  B O2     2 
ATOM   857 N N3     . DC  B 1 4 ? 0.930   1.941  2.599   0.20 0.00 ? 4 DC  B N3     2 
ATOM   858 C C4     . DC  B 1 4 ? -0.103  1.646  3.390   0.20 0.00 ? 4 DC  B C4     2 
ATOM   859 N N4     . DC  B 1 4 ? -0.617  0.418  3.313   0.20 0.00 ? 4 DC  B N4     2 
ATOM   860 C C5     . DC  B 1 4 ? -0.653  2.597  4.298   0.20 0.00 ? 4 DC  B C5     2 
ATOM   861 C C6     . DC  B 1 4 ? -0.090  3.811  4.334   0.20 0.00 ? 4 DC  B C6     2 
ATOM   862 H "H5'"  . DC  B 1 4 ? 1.926   6.409  7.367   0.20 0.00 ? 4 DC  B "H5'"  2 
ATOM   863 H "H5''" . DC  B 1 4 ? 1.167   7.969  6.991   0.20 0.00 ? 4 DC  B "H5''" 2 
ATOM   864 H "H4'"  . DC  B 1 4 ? 2.980   7.493  5.466   0.20 0.00 ? 4 DC  B "H4'"  2 
ATOM   865 H "H3'"  . DC  B 1 4 ? 0.595   8.445  4.598   0.20 0.00 ? 4 DC  B "H3'"  2 
ATOM   866 H "H2'"  . DC  B 1 4 ? -0.368  6.382  3.864   0.20 0.00 ? 4 DC  B "H2'"  2 
ATOM   867 H "H2''" . DC  B 1 4 ? 0.445   6.883  2.388   0.20 0.00 ? 4 DC  B "H2''" 2 
ATOM   868 H "H1'"  . DC  B 1 4 ? 2.363   5.510  2.812   0.20 0.00 ? 4 DC  B "H1'"  2 
ATOM   869 H H41    . DC  B 1 4 ? -0.223  -0.250 2.664   0.20 0.00 ? 4 DC  B H41    2 
ATOM   870 H H42    . DC  B 1 4 ? -1.397  0.155  3.897   0.20 0.00 ? 4 DC  B H42    2 
ATOM   871 H H5     . DC  B 1 4 ? -1.500  2.345  4.938   0.20 0.00 ? 4 DC  B H5     2 
ATOM   872 H H6     . DC  B 1 4 ? -0.486  4.562  5.017   0.20 0.00 ? 4 DC  B H6     2 
ATOM   873 P P      . DG  B 1 5 ? 1.755   9.161  2.031   0.20 0.00 ? 5 DG  B P      2 
ATOM   874 O OP1    . DG  B 1 5 ? 2.605   10.369 1.872   0.20 0.00 ? 5 DG  B OP1    2 
ATOM   875 O OP2    . DG  B 1 5 ? 0.278   9.307  2.082   0.20 0.00 ? 5 DG  B OP2    2 
ATOM   876 O "O5'"  . DG  B 1 5 ? 2.118   8.148  0.854   0.20 0.00 ? 5 DG  B "O5'"  2 
ATOM   877 C "C5'"  . DG  B 1 5 ? 3.407   7.534  0.784   0.20 0.00 ? 5 DG  B "C5'"  2 
ATOM   878 C "C4'"  . DG  B 1 5 ? 3.633   6.939  -0.587  0.20 0.00 ? 5 DG  B "C4'"  2 
ATOM   879 O "O4'"  . DG  B 1 5 ? 3.151   5.571  -0.588  0.20 0.00 ? 5 DG  B "O4'"  2 
ATOM   880 C "C3'"  . DG  B 1 5 ? 2.906   7.644  -1.736  0.20 0.00 ? 5 DG  B "C3'"  2 
ATOM   881 O "O3'"  . DG  B 1 5 ? 3.755   7.695  -2.891  0.20 0.00 ? 5 DG  B "O3'"  2 
ATOM   882 C "C2'"  . DG  B 1 5 ? 1.698   6.758  -1.983  0.20 0.00 ? 5 DG  B "C2'"  2 
ATOM   883 C "C1'"  . DG  B 1 5 ? 2.242   5.383  -1.658  0.20 0.00 ? 5 DG  B "C1'"  2 
ATOM   884 N N9     . DG  B 1 5 ? 1.236   4.414  -1.231  0.20 0.00 ? 5 DG  B N9     2 
ATOM   885 C C8     . DG  B 1 5 ? 0.301   4.572  -0.239  0.20 0.00 ? 5 DG  B C8     2 
ATOM   886 N N7     . DG  B 1 5 ? -0.469  3.529  -0.085  0.20 0.00 ? 5 DG  B N7     2 
ATOM   887 C C5     . DG  B 1 5 ? -0.011  2.624  -1.034  0.20 0.00 ? 5 DG  B C5     2 
ATOM   888 C C6     . DG  B 1 5 ? -0.456  1.313  -1.344  0.20 0.00 ? 5 DG  B C6     2 
ATOM   889 O O6     . DG  B 1 5 ? -1.374  0.666  -0.826  0.20 0.00 ? 5 DG  B O6     2 
ATOM   890 N N1     . DG  B 1 5 ? 0.289   0.750  -2.374  0.20 0.00 ? 5 DG  B N1     2 
ATOM   891 C C2     . DG  B 1 5 ? 1.327   1.370  -3.026  0.20 0.00 ? 5 DG  B C2     2 
ATOM   892 N N2     . DG  B 1 5 ? 1.922   0.666  -3.994  0.20 0.00 ? 5 DG  B N2     2 
ATOM   893 N N3     . DG  B 1 5 ? 1.750   2.591  -2.749  0.20 0.00 ? 5 DG  B N3     2 
ATOM   894 C C4     . DG  B 1 5 ? 1.042   3.156  -1.749  0.20 0.00 ? 5 DG  B C4     2 
ATOM   895 H "H5'"  . DG  B 1 5 ? 3.477   6.744  1.530   0.20 0.00 ? 5 DG  B "H5'"  2 
ATOM   896 H "H5''" . DG  B 1 5 ? 4.178   8.280  0.979   0.20 0.00 ? 5 DG  B "H5''" 2 
ATOM   897 H "H4'"  . DG  B 1 5 ? 4.700   7.014  -0.803  0.20 0.00 ? 5 DG  B "H4'"  2 
ATOM   898 H "H3'"  . DG  B 1 5 ? 2.618   8.657  -1.456  0.20 0.00 ? 5 DG  B "H3'"  2 
ATOM   899 H "H2'"  . DG  B 1 5 ? 0.864   7.036  -1.338  0.20 0.00 ? 5 DG  B "H2'"  2 
ATOM   900 H "H2''" . DG  B 1 5 ? 1.353   6.831  -3.013  0.20 0.00 ? 5 DG  B "H2''" 2 
ATOM   901 H "H1'"  . DG  B 1 5 ? 2.794   4.968  -2.503  0.20 0.00 ? 5 DG  B "H1'"  2 
ATOM   902 H H8     . DG  B 1 5 ? 0.209   5.470  0.354   0.20 0.00 ? 5 DG  B H8     2 
ATOM   903 H H1     . DG  B 1 5 ? 0.042   -0.187 -2.659  0.20 0.00 ? 5 DG  B H1     2 
ATOM   904 H H21    . DG  B 1 5 ? 1.608   -0.271 -4.211  0.20 0.00 ? 5 DG  B H21    2 
ATOM   905 H H22    . DG  B 1 5 ? 2.691   1.073  -4.506  0.20 0.00 ? 5 DG  B H22    2 
ATOM   906 P P      . DC  B 1 6 ? 3.201   8.311  -4.271  0.20 0.00 ? 6 DC  B P      2 
ATOM   907 O OP1    . DC  B 1 6 ? 4.236   9.229  -4.812  0.20 0.00 ? 6 DC  B OP1    2 
ATOM   908 O OP2    . DC  B 1 6 ? 1.824   8.818  -4.037  0.20 0.00 ? 6 DC  B OP2    2 
ATOM   909 O "O5'"  . DC  B 1 6 ? 3.104   7.048  -5.239  0.20 0.00 ? 6 DC  B "O5'"  2 
ATOM   910 C "C5'"  . DC  B 1 6 ? 4.276   6.321  -5.615  0.20 0.00 ? 6 DC  B "C5'"  2 
ATOM   911 C "C4'"  . DC  B 1 6 ? 3.931   5.254  -6.629  0.20 0.00 ? 6 DC  B "C4'"  2 
ATOM   912 O "O4'"  . DC  B 1 6 ? 3.021   4.307  -6.018  0.20 0.00 ? 6 DC  B "O4'"  2 
ATOM   913 C "C3'"  . DC  B 1 6 ? 3.233   5.752  -7.893  0.20 0.00 ? 6 DC  B "C3'"  2 
ATOM   914 O "O3'"  . DC  B 1 6 ? 3.667   4.992  -9.026  0.20 0.00 ? 6 DC  B "O3'"  2 
ATOM   915 C "C2'"  . DC  B 1 6 ? 1.763   5.511  -7.603  0.20 0.00 ? 6 DC  B "C2'"  2 
ATOM   916 C "C1'"  . DC  B 1 6 ? 1.791   4.273  -6.725  0.20 0.00 ? 6 DC  B "C1'"  2 
ATOM   917 N N1     . DC  B 1 6 ? 0.705   4.206  -5.733  0.20 0.00 ? 6 DC  B N1     2 
ATOM   918 C C2     . DC  B 1 6 ? -0.075  3.050  -5.662  0.20 0.00 ? 6 DC  B C2     2 
ATOM   919 O O2     . DC  B 1 6 ? 0.166   2.115  -6.440  0.20 0.00 ? 6 DC  B O2     2 
ATOM   920 N N3     . DC  B 1 6 ? -1.070  2.980  -4.750  0.20 0.00 ? 6 DC  B N3     2 
ATOM   921 C C4     . DC  B 1 6 ? -1.298  4.008  -3.931  0.20 0.00 ? 6 DC  B C4     2 
ATOM   922 N N4     . DC  B 1 6 ? -2.288  3.893  -3.045  0.20 0.00 ? 6 DC  B N4     2 
ATOM   923 C C5     . DC  B 1 6 ? -0.520  5.200  -3.983  0.20 0.00 ? 6 DC  B C5     2 
ATOM   924 C C6     . DC  B 1 6 ? 0.463   5.255  -4.891  0.20 0.00 ? 6 DC  B C6     2 
ATOM   925 H "H5'"  . DC  B 1 6 ? 4.712   5.849  -4.734  0.20 0.00 ? 6 DC  B "H5'"  2 
ATOM   926 H "H5''" . DC  B 1 6 ? 5.006   7.003  -6.051  0.20 0.00 ? 6 DC  B "H5''" 2 
ATOM   927 H "H4'"  . DC  B 1 6 ? 4.868   4.796  -6.951  0.20 0.00 ? 6 DC  B "H4'"  2 
ATOM   928 H "H3'"  . DC  B 1 6 ? 3.442   6.807  -8.069  0.20 0.00 ? 6 DC  B "H3'"  2 
ATOM   929 H "H2'"  . DC  B 1 6 ? 1.311   6.365  -7.100  0.20 0.00 ? 6 DC  B "H2'"  2 
ATOM   930 H "H2''" . DC  B 1 6 ? 1.200   5.336  -8.521  0.20 0.00 ? 6 DC  B "H2''" 2 
ATOM   931 H "H1'"  . DC  B 1 6 ? 1.771   3.363  -7.327  0.20 0.00 ? 6 DC  B "H1'"  2 
ATOM   932 H H41    . DC  B 1 6 ? -2.832  3.043  -3.010  0.20 0.00 ? 6 DC  B H41    2 
ATOM   933 H H42    . DC  B 1 6 ? -2.491  4.648  -2.408  0.20 0.00 ? 6 DC  B H42    2 
ATOM   934 H H5     . DC  B 1 6 ? -0.717  6.034  -3.310  0.20 0.00 ? 6 DC  B H5     2 
ATOM   935 H H6     . DC  B 1 6 ? 1.077   6.153  -4.960  0.20 0.00 ? 6 DC  B H6     2 
ATOM   936 P P      . DA  B 1 7 ? 3.104   5.344  -10.490 0.20 0.00 ? 7 DA  B P      2 
ATOM   937 O OP1    . DA  B 1 7 ? 4.117   4.887  -11.475 0.20 0.00 ? 7 DA  B OP1    2 
ATOM   938 O OP2    . DA  B 1 7 ? 2.660   6.761  -10.500 0.20 0.00 ? 7 DA  B OP2    2 
ATOM   939 O "O5'"  . DA  B 1 7 ? 1.818   4.418  -10.639 0.20 0.00 ? 7 DA  B "O5'"  2 
ATOM   940 C "C5'"  . DA  B 1 7 ? 1.919   2.996  -10.542 0.20 0.00 ? 7 DA  B "C5'"  2 
ATOM   941 C "C4'"  . DA  B 1 7 ? 0.838   2.338  -11.368 0.20 0.00 ? 7 DA  B "C4'"  2 
ATOM   942 O "O4'"  . DA  B 1 7 ? 0.098   1.429  -10.519 0.20 0.00 ? 7 DA  B "O4'"  2 
ATOM   943 C "C3'"  . DA  B 1 7 ? -0.200  3.290  -11.959 0.20 0.00 ? 7 DA  B "C3'"  2 
ATOM   944 O "O3'"  . DA  B 1 7 ? 0.142   3.650  -13.299 0.20 0.00 ? 7 DA  B "O3'"  2 
ATOM   945 C "C2'"  . DA  B 1 7 ? -1.472  2.465  -11.944 0.20 0.00 ? 7 DA  B "C2'"  2 
ATOM   946 C "C1'"  . DA  B 1 7 ? -1.300  1.607  -10.702 0.20 0.00 ? 7 DA  B "C1'"  2 
ATOM   947 N N9     . DA  B 1 7 ? -1.841  2.194  -9.476  0.20 0.00 ? 7 DA  B N9     2 
ATOM   948 C C8     . DA  B 1 7 ? -1.404  3.310  -8.802  0.20 0.00 ? 7 DA  B C8     2 
ATOM   949 N N7     . DA  B 1 7 ? -2.100  3.581  -7.724  0.20 0.00 ? 7 DA  B N7     2 
ATOM   950 C C5     . DA  B 1 7 ? -3.057  2.576  -7.684  0.20 0.00 ? 7 DA  B C5     2 
ATOM   951 C C6     . DA  B 1 7 ? -4.098  2.296  -6.781  0.20 0.00 ? 7 DA  B C6     2 
ATOM   952 N N6     . DA  B 1 7 ? -4.361  3.032  -5.701  0.20 0.00 ? 7 DA  B N6     2 
ATOM   953 N N1     . DA  B 1 7 ? -4.870  1.216  -7.030  0.20 0.00 ? 7 DA  B N1     2 
ATOM   954 C C2     . DA  B 1 7 ? -4.608  0.475  -8.115  0.20 0.00 ? 7 DA  B C2     2 
ATOM   955 N N3     . DA  B 1 7 ? -3.662  0.638  -9.036  0.20 0.00 ? 7 DA  B N3     2 
ATOM   956 C C4     . DA  B 1 7 ? -2.911  1.717  -8.758  0.20 0.00 ? 7 DA  B C4     2 
ATOM   957 H "H5'"  . DA  B 1 7 ? 1.807   2.692  -9.502  0.20 0.00 ? 7 DA  B "H5'"  2 
ATOM   958 H "H5''" . DA  B 1 7 ? 2.893   2.671  -10.907 0.20 0.00 ? 7 DA  B "H5''" 2 
ATOM   959 H "H4'"  . DA  B 1 7 ? 1.322   1.840  -12.210 0.20 0.00 ? 7 DA  B "H4'"  2 
ATOM   960 H "H3'"  . DA  B 1 7 ? -0.293  4.194  -11.356 0.20 0.00 ? 7 DA  B "H3'"  2 
ATOM   961 H "HO3'" . DA  B 1 7 ? 1.093   3.784  -13.323 0.20 0.00 ? 7 DA  B "HO3'" 2 
ATOM   962 H "H2'"  . DA  B 1 7 ? -2.357  3.099  -11.889 0.20 0.00 ? 7 DA  B "H2'"  2 
ATOM   963 H "H2''" . DA  B 1 7 ? -1.561  1.857  -12.845 0.20 0.00 ? 7 DA  B "H2''" 2 
ATOM   964 H "H1'"  . DA  B 1 7 ? -1.749  0.622  -10.842 0.20 0.00 ? 7 DA  B "H1'"  2 
ATOM   965 H H8     . DA  B 1 7 ? -0.564  3.907  -9.127  0.20 0.00 ? 7 DA  B H8     2 
ATOM   966 H H61    . DA  B 1 7 ? -5.122  2.770  -5.086  0.20 0.00 ? 7 DA  B H61    2 
ATOM   967 H H62    . DA  B 1 7 ? -3.797  3.844  -5.493  0.20 0.00 ? 7 DA  B H62    2 
ATOM   968 H H2     . DA  B 1 7 ? -5.264  -0.383 -8.265  0.20 0.00 ? 7 DA  B H2     2 
# 
